data_1OAH
#
_entry.id   1OAH
#
_cell.length_a   78.940
_cell.length_b   104.600
_cell.length_c   143.180
_cell.angle_alpha   90.00
_cell.angle_beta   90.00
_cell.angle_gamma   90.00
#
_symmetry.space_group_name_H-M   'P 21 21 21'
#
loop_
_entity.id
_entity.type
_entity.pdbx_description
1 polymer 'CYTOCHROME C NITRITE REDUCTASE'
2 non-polymer 'HEME C'
3 non-polymer 'CALCIUM ION'
4 non-polymer 'CHLORIDE ION'
5 non-polymer 'ZINC ION'
6 water water
#
_entity_poly.entity_id   1
_entity_poly.type   'polypeptide(L)'
_entity_poly.pdbx_seq_one_letter_code
;MNKRIVTTALALATLLGVALLSGCQDVSTELKAPKYKTGIAETETKMSAFKGQFPQQYASYMKNNEDRIMTDYKGSVPYH
KNDNVNPLPKGFKHAQPYLKNLWLGYPFMYEYNETRGHTYAIDDFLNIDRINRFAADGKGNLPATCWNCKTPKMMEWVSQ
YGDKFWSMDVNEFRAKDKINAHDETIGCANCHDPATMELRLYSEPLKDWLKRSGKDWQKMSRNEKRTLVCAQCHVEYYFT
HKDNGPAAKPVFPWDNGFNPEDMYQYYKGHGAKGPDGKPGPFVDWVHAASKVPMIKMQHPEYETFQDGPHGAAGVSCADC
HMQYVREDGKKISSHWMTSPMKDPEMRACRQCHADKTGEYLRQRVLYTQQKTFDQLLKAQEMSVKAHEAVRLANAYEGHR
AANYEALMAEAREMVRKGQLFWDYVSAENSVGFHNPAKALDTLMTSMECSQKAVDLATEATDFGIAPALAGDIKKLVPPI
LTLSRKLQQDPEFLKQNPWTRLLPALPKAEQVWEGQDRA
;
_entity_poly.pdbx_strand_id   A,B
#
loop_
_chem_comp.id
_chem_comp.type
_chem_comp.name
_chem_comp.formula
CA non-polymer 'CALCIUM ION' 'Ca 2'
CL non-polymer 'CHLORIDE ION' 'Cl -1'
HEC non-polymer 'HEME C' 'C34 H34 Fe N4 O4'
ZN non-polymer 'ZINC ION' 'Zn 2'
#
# COMPACT_ATOMS: atom_id res chain seq x y z
N THR A 38 45.46 -19.44 -5.35
CA THR A 38 45.93 -18.10 -4.90
C THR A 38 47.02 -18.21 -3.84
N GLY A 39 46.92 -19.25 -3.02
CA GLY A 39 47.84 -19.45 -1.94
C GLY A 39 47.34 -18.77 -0.68
N ILE A 40 46.36 -17.88 -0.83
CA ILE A 40 45.81 -17.16 0.30
C ILE A 40 45.20 -18.17 1.27
N ALA A 41 45.40 -17.94 2.57
CA ALA A 41 44.95 -18.87 3.61
C ALA A 41 43.42 -18.94 3.73
N GLU A 42 42.91 -20.15 3.94
CA GLU A 42 41.48 -20.36 3.95
C GLU A 42 40.66 -19.43 4.85
N THR A 43 41.17 -19.06 6.01
CA THR A 43 40.42 -18.08 6.80
C THR A 43 41.21 -16.80 6.93
N GLU A 44 41.81 -16.37 5.83
CA GLU A 44 42.51 -15.09 5.80
C GLU A 44 41.49 -14.03 6.18
N THR A 45 41.86 -13.17 7.13
CA THR A 45 40.96 -12.12 7.57
C THR A 45 41.39 -10.77 7.00
N LYS A 46 42.66 -10.68 6.61
CA LYS A 46 43.20 -9.43 6.11
C LYS A 46 42.92 -9.22 4.62
N MET A 47 42.01 -8.29 4.36
CA MET A 47 41.61 -7.91 3.03
C MET A 47 42.81 -7.61 2.12
N SER A 48 43.82 -6.98 2.70
CA SER A 48 45.03 -6.61 1.97
C SER A 48 45.76 -7.81 1.39
N ALA A 49 45.44 -9.00 1.90
CA ALA A 49 46.09 -10.20 1.40
C ALA A 49 45.59 -10.52 0.00
N PHE A 50 44.52 -9.85 -0.41
CA PHE A 50 43.92 -10.10 -1.71
C PHE A 50 44.28 -9.05 -2.77
N LYS A 51 44.79 -7.92 -2.32
CA LYS A 51 45.05 -6.82 -3.23
C LYS A 51 45.96 -7.17 -4.41
N GLY A 52 46.96 -8.01 -4.15
CA GLY A 52 47.95 -8.35 -5.16
C GLY A 52 47.46 -9.13 -6.36
N GLN A 53 46.77 -10.23 -6.09
CA GLN A 53 46.23 -11.07 -7.15
C GLN A 53 44.87 -10.55 -7.66
N PHE A 54 44.26 -9.60 -6.94
CA PHE A 54 42.96 -9.07 -7.34
C PHE A 54 42.84 -7.55 -7.20
N PRO A 55 43.68 -6.82 -7.92
CA PRO A 55 43.68 -5.35 -7.89
C PRO A 55 42.36 -4.75 -8.40
N GLN A 56 41.74 -5.37 -9.40
CA GLN A 56 40.50 -4.81 -9.96
C GLN A 56 39.33 -4.85 -8.97
N GLN A 57 39.05 -6.03 -8.43
CA GLN A 57 37.99 -6.15 -7.45
C GLN A 57 38.37 -5.38 -6.17
N TYR A 58 39.64 -5.42 -5.78
CA TYR A 58 40.06 -4.68 -4.60
C TYR A 58 39.80 -3.17 -4.74
N ALA A 59 40.21 -2.58 -5.86
CA ALA A 59 40.01 -1.14 -6.03
C ALA A 59 38.53 -0.81 -6.08
N SER A 60 37.75 -1.74 -6.60
CA SER A 60 36.32 -1.57 -6.69
C SER A 60 35.71 -1.61 -5.29
N TYR A 61 36.20 -2.52 -4.46
CA TYR A 61 35.75 -2.61 -3.08
C TYR A 61 36.18 -1.36 -2.30
N MET A 62 37.31 -0.75 -2.66
CA MET A 62 37.74 0.47 -1.96
C MET A 62 36.78 1.62 -2.26
N LYS A 63 36.05 1.52 -3.37
CA LYS A 63 35.06 2.54 -3.67
C LYS A 63 33.99 2.66 -2.57
N ASN A 64 33.86 1.63 -1.71
CA ASN A 64 32.94 1.70 -0.57
C ASN A 64 33.37 2.72 0.48
N ASN A 65 34.54 3.32 0.30
CA ASN A 65 35.02 4.32 1.24
C ASN A 65 34.40 5.69 1.02
N GLU A 66 33.60 5.84 -0.03
CA GLU A 66 32.92 7.09 -0.31
C GLU A 66 31.72 7.18 0.61
N ASP A 67 31.74 8.20 1.47
CA ASP A 67 30.69 8.40 2.45
C ASP A 67 30.26 9.85 2.42
N ARG A 68 29.99 10.34 1.21
CA ARG A 68 29.69 11.75 1.01
C ARG A 68 28.37 12.04 0.32
N ILE A 69 27.89 11.07 -0.46
CA ILE A 69 26.71 11.27 -1.28
C ILE A 69 25.44 10.73 -0.64
N MET A 70 24.40 11.56 -0.63
CA MET A 70 23.06 11.15 -0.19
C MET A 70 22.18 11.08 -1.42
N THR A 71 21.23 10.15 -1.45
CA THR A 71 20.28 10.10 -2.53
C THR A 71 18.99 10.75 -2.01
N ASP A 72 17.86 10.46 -2.62
CA ASP A 72 16.60 11.04 -2.14
C ASP A 72 16.22 10.53 -0.75
N TYR A 73 16.41 9.24 -0.50
CA TYR A 73 16.01 8.68 0.78
C TYR A 73 17.12 7.90 1.47
N LYS A 74 18.15 7.55 0.73
CA LYS A 74 19.25 6.79 1.28
C LYS A 74 20.55 7.52 1.00
N GLY A 75 21.67 6.82 1.09
CA GLY A 75 22.95 7.43 0.86
C GLY A 75 24.01 6.90 1.81
N SER A 76 25.20 7.49 1.77
CA SER A 76 26.30 6.97 2.55
C SER A 76 26.81 7.90 3.63
N VAL A 77 25.99 8.87 4.03
CA VAL A 77 26.37 9.77 5.12
C VAL A 77 25.66 9.26 6.36
N PRO A 78 26.42 8.95 7.41
CA PRO A 78 25.85 8.35 8.62
C PRO A 78 25.10 9.35 9.50
N TYR A 79 24.06 10.00 8.97
CA TYR A 79 23.30 10.94 9.78
C TYR A 79 22.44 10.17 10.79
N HIS A 80 22.06 10.86 11.86
CA HIS A 80 21.21 10.28 12.89
C HIS A 80 19.79 10.08 12.33
N LYS A 81 19.38 8.82 12.22
CA LYS A 81 18.12 8.51 11.53
C LYS A 81 16.83 9.10 12.07
N ASN A 82 16.87 9.61 13.31
CA ASN A 82 15.69 10.26 13.88
C ASN A 82 15.72 11.77 13.76
N ASP A 83 16.82 12.31 13.25
CA ASP A 83 17.04 13.75 13.21
C ASP A 83 16.65 14.39 11.89
N ASN A 84 15.51 15.07 11.87
CA ASN A 84 15.11 15.80 10.67
C ASN A 84 15.21 17.29 10.94
N VAL A 85 15.98 17.65 11.96
CA VAL A 85 16.13 19.04 12.34
C VAL A 85 17.47 19.64 11.88
N ASN A 86 18.58 18.95 12.19
CA ASN A 86 19.95 19.40 11.91
C ASN A 86 20.45 19.14 10.47
N PRO A 87 21.49 19.87 10.05
CA PRO A 87 22.08 19.71 8.72
C PRO A 87 22.83 18.36 8.60
N LEU A 88 23.20 18.00 7.38
CA LEU A 88 24.07 16.86 7.18
C LEU A 88 25.44 17.33 7.66
N PRO A 89 26.26 16.43 8.19
CA PRO A 89 25.94 15.00 8.33
C PRO A 89 25.28 14.59 9.65
N LYS A 90 24.55 15.48 10.30
CA LYS A 90 23.94 15.15 11.58
C LYS A 90 22.46 14.72 11.38
N GLY A 91 21.72 15.50 10.59
CA GLY A 91 20.34 15.18 10.29
C GLY A 91 20.05 15.15 8.79
N PHE A 92 18.80 14.92 8.42
CA PHE A 92 18.39 14.79 7.02
C PHE A 92 16.90 15.12 6.93
N LYS A 93 16.47 15.74 5.82
CA LYS A 93 15.06 16.07 5.71
C LYS A 93 14.13 14.85 5.69
N HIS A 94 14.65 13.70 5.30
CA HIS A 94 13.82 12.49 5.29
C HIS A 94 14.14 11.54 6.44
N ALA A 95 14.30 12.10 7.64
CA ALA A 95 14.56 11.28 8.81
C ALA A 95 13.24 10.88 9.45
N GLN A 96 13.33 9.99 10.44
CA GLN A 96 12.15 9.48 11.14
C GLN A 96 12.15 10.01 12.57
N PRO A 97 11.44 11.11 12.76
CA PRO A 97 11.44 11.87 14.01
C PRO A 97 11.17 11.07 15.27
N TYR A 98 10.28 10.08 15.21
CA TYR A 98 9.87 9.36 16.42
C TYR A 98 10.69 8.13 16.83
N LEU A 99 11.77 7.83 16.12
CA LEU A 99 12.53 6.62 16.46
C LEU A 99 12.94 6.45 17.92
N LYS A 100 13.53 7.47 18.52
CA LYS A 100 14.00 7.30 19.90
C LYS A 100 12.82 6.94 20.80
N ASN A 101 11.70 7.62 20.62
CA ASN A 101 10.52 7.30 21.42
C ASN A 101 10.09 5.85 21.29
N LEU A 102 10.01 5.39 20.04
CA LEU A 102 9.54 4.05 19.74
C LEU A 102 10.45 2.95 20.28
N TRP A 103 11.71 3.30 20.53
CA TRP A 103 12.68 2.33 21.04
C TRP A 103 13.10 2.62 22.49
N LEU A 104 12.31 3.45 23.18
CA LEU A 104 12.59 3.80 24.57
C LEU A 104 12.83 2.54 25.38
N GLY A 105 13.97 2.49 26.07
CA GLY A 105 14.31 1.33 26.89
C GLY A 105 15.21 0.31 26.20
N TYR A 106 15.55 0.58 24.94
CA TYR A 106 16.40 -0.32 24.15
C TYR A 106 17.61 0.50 23.69
N PRO A 107 18.75 -0.13 23.48
CA PRO A 107 19.93 0.63 23.06
C PRO A 107 19.69 1.53 21.84
N PHE A 108 18.77 1.17 20.95
CA PHE A 108 18.52 1.97 19.74
C PHE A 108 18.00 3.37 20.06
N MET A 109 17.67 3.61 21.33
CA MET A 109 17.21 4.95 21.72
C MET A 109 18.39 5.89 21.82
N TYR A 110 19.59 5.32 21.86
CA TYR A 110 20.82 6.11 22.01
C TYR A 110 21.40 6.59 20.68
N GLU A 111 21.50 5.67 19.73
CA GLU A 111 22.05 6.04 18.44
C GLU A 111 21.68 5.01 17.41
N TYR A 112 21.40 5.49 16.20
CA TYR A 112 21.04 4.63 15.11
C TYR A 112 21.15 5.50 13.86
N ASN A 113 22.10 5.17 13.00
CA ASN A 113 22.44 6.00 11.84
C ASN A 113 22.31 5.34 10.48
N GLU A 114 22.25 6.17 9.45
CA GLU A 114 22.25 5.72 8.08
C GLU A 114 23.59 5.02 7.90
N THR A 115 23.67 4.06 6.98
CA THR A 115 24.88 3.26 6.81
C THR A 115 25.89 3.75 5.80
N ARG A 116 27.15 3.39 6.05
CA ARG A 116 28.26 3.64 5.15
C ARG A 116 28.64 2.31 4.50
N GLY A 117 29.69 2.33 3.67
CA GLY A 117 30.13 1.13 2.97
C GLY A 117 30.76 0.09 3.87
N HIS A 118 30.90 -1.13 3.37
CA HIS A 118 31.44 -2.22 4.17
C HIS A 118 32.79 -1.92 4.83
N THR A 119 33.61 -1.09 4.18
CA THR A 119 34.94 -0.79 4.70
C THR A 119 34.89 -0.05 6.03
N TYR A 120 33.73 0.49 6.38
CA TYR A 120 33.63 1.22 7.63
C TYR A 120 32.85 0.48 8.69
N ALA A 121 32.47 -0.77 8.42
CA ALA A 121 31.64 -1.52 9.37
C ALA A 121 32.20 -1.47 10.79
N ILE A 122 33.48 -1.79 10.94
CA ILE A 122 34.03 -1.79 12.29
C ILE A 122 34.10 -0.37 12.86
N ASP A 123 34.60 0.58 12.08
CA ASP A 123 34.65 1.97 12.53
C ASP A 123 33.28 2.40 13.09
N ASP A 124 32.23 2.23 12.29
CA ASP A 124 30.89 2.57 12.75
C ASP A 124 30.46 1.72 13.95
N PHE A 125 30.76 0.43 13.90
CA PHE A 125 30.49 -0.45 15.03
C PHE A 125 31.09 0.12 16.30
N LEU A 126 32.36 0.55 16.22
CA LEU A 126 33.04 1.04 17.41
C LEU A 126 32.73 2.48 17.80
N ASN A 127 31.99 3.21 16.96
CA ASN A 127 31.63 4.58 17.29
C ASN A 127 30.24 4.64 17.91
N ILE A 128 29.42 3.63 17.66
CA ILE A 128 28.03 3.64 18.08
C ILE A 128 27.84 3.65 19.61
N ASP A 129 26.93 4.51 20.06
CA ASP A 129 26.65 4.65 21.48
C ASP A 129 25.78 3.50 22.01
N ARG A 130 25.30 2.66 21.11
CA ARG A 130 24.48 1.52 21.50
C ARG A 130 25.27 0.56 22.39
N ILE A 131 26.55 0.38 22.07
CA ILE A 131 27.45 -0.44 22.86
C ILE A 131 27.92 0.44 24.02
N ASN A 132 27.80 -0.05 25.25
CA ASN A 132 28.20 0.71 26.42
C ASN A 132 29.70 1.06 26.42
N ARG A 133 30.02 2.32 26.63
CA ARG A 133 31.42 2.74 26.68
C ARG A 133 31.72 3.43 28.01
N PHE A 134 30.77 3.38 28.94
CA PHE A 134 30.89 4.09 30.21
C PHE A 134 30.97 3.20 31.45
N ALA A 135 31.12 1.89 31.25
CA ALA A 135 31.18 0.97 32.37
C ALA A 135 32.60 0.83 32.91
N ALA A 136 32.73 0.79 34.22
CA ALA A 136 34.04 0.65 34.84
C ALA A 136 34.73 -0.62 34.37
N ASP A 137 34.03 -1.75 34.44
CA ASP A 137 34.62 -3.02 33.99
C ASP A 137 34.85 -3.00 32.48
N GLY A 138 34.40 -1.92 31.84
CA GLY A 138 34.56 -1.75 30.41
C GLY A 138 33.70 -2.65 29.55
N LYS A 139 32.65 -3.23 30.13
CA LYS A 139 31.77 -4.12 29.36
C LYS A 139 30.87 -3.29 28.45
N GLY A 140 30.50 -3.85 27.31
CA GLY A 140 29.62 -3.16 26.39
C GLY A 140 28.16 -3.46 26.69
N ASN A 141 27.92 -4.49 27.51
CA ASN A 141 26.57 -4.91 27.86
C ASN A 141 25.77 -5.44 26.66
N LEU A 142 26.50 -5.91 25.66
CA LEU A 142 25.91 -6.53 24.48
C LEU A 142 26.78 -7.75 24.17
N PRO A 143 26.18 -8.78 23.59
CA PRO A 143 26.88 -10.02 23.27
C PRO A 143 27.88 -9.89 22.13
N ALA A 144 28.91 -10.74 22.17
CA ALA A 144 29.93 -10.73 21.16
C ALA A 144 29.29 -11.05 19.81
N THR A 145 28.10 -11.62 19.86
CA THR A 145 27.38 -11.94 18.63
C THR A 145 27.27 -10.67 17.78
N CYS A 146 27.33 -9.51 18.42
CA CYS A 146 27.26 -8.27 17.67
C CYS A 146 28.38 -8.15 16.63
N TRP A 147 29.41 -8.99 16.75
CA TRP A 147 30.52 -9.00 15.78
C TRP A 147 30.19 -9.86 14.58
N ASN A 148 29.17 -10.70 14.73
CA ASN A 148 28.85 -11.71 13.72
C ASN A 148 28.82 -11.27 12.27
N CYS A 149 28.28 -10.09 12.01
CA CYS A 149 28.10 -9.62 10.65
C CYS A 149 29.01 -8.41 10.39
N LYS A 150 30.14 -8.35 11.08
CA LYS A 150 31.02 -7.19 10.93
C LYS A 150 32.47 -7.52 10.54
N THR A 151 32.86 -8.79 10.58
CA THR A 151 34.26 -9.15 10.32
C THR A 151 34.48 -10.63 10.02
N PRO A 152 35.44 -10.93 9.15
CA PRO A 152 35.80 -12.31 8.83
C PRO A 152 36.41 -12.99 10.05
N LYS A 153 37.01 -12.21 10.94
CA LYS A 153 37.60 -12.74 12.19
C LYS A 153 36.62 -13.70 12.91
N MET A 154 35.33 -13.64 12.54
CA MET A 154 34.31 -14.52 13.11
C MET A 154 34.68 -16.00 12.96
N MET A 155 35.30 -16.36 11.83
CA MET A 155 35.66 -17.75 11.61
C MET A 155 36.68 -18.21 12.67
N GLU A 156 37.70 -17.40 12.89
CA GLU A 156 38.74 -17.68 13.88
C GLU A 156 38.19 -17.67 15.28
N TRP A 157 37.34 -16.70 15.59
CA TRP A 157 36.76 -16.61 16.92
C TRP A 157 35.85 -17.80 17.22
N VAL A 158 35.05 -18.21 16.26
CA VAL A 158 34.18 -19.35 16.49
C VAL A 158 35.03 -20.61 16.61
N SER A 159 36.13 -20.65 15.86
CA SER A 159 37.01 -21.80 15.93
C SER A 159 37.69 -21.88 17.31
N GLN A 160 38.06 -20.71 17.82
CA GLN A 160 38.72 -20.61 19.12
C GLN A 160 37.80 -20.79 20.33
N TYR A 161 36.58 -20.27 20.28
CA TYR A 161 35.70 -20.33 21.44
C TYR A 161 34.48 -21.22 21.33
N GLY A 162 34.12 -21.62 20.13
CA GLY A 162 32.93 -22.41 19.96
C GLY A 162 31.71 -21.60 20.39
N ASP A 163 30.70 -22.28 20.88
CA ASP A 163 29.48 -21.56 21.23
C ASP A 163 29.62 -20.67 22.43
N LYS A 164 30.75 -20.76 23.12
CA LYS A 164 31.00 -19.88 24.24
C LYS A 164 31.24 -18.47 23.75
N PHE A 165 31.58 -18.33 22.47
CA PHE A 165 31.88 -17.01 21.92
C PHE A 165 30.71 -16.03 22.00
N TRP A 166 29.52 -16.53 21.66
CA TRP A 166 28.36 -15.66 21.49
C TRP A 166 28.04 -14.75 22.68
N SER A 167 28.01 -15.32 23.88
CA SER A 167 27.61 -14.56 25.07
C SER A 167 28.74 -13.83 25.75
N MET A 168 29.96 -13.98 25.25
CA MET A 168 31.04 -13.20 25.82
C MET A 168 30.66 -11.74 25.57
N ASP A 169 31.23 -10.82 26.34
CA ASP A 169 30.88 -9.41 26.14
C ASP A 169 31.48 -8.87 24.85
N VAL A 170 30.70 -8.05 24.14
CA VAL A 170 31.13 -7.50 22.86
C VAL A 170 32.51 -6.83 22.93
N ASN A 171 32.78 -6.15 24.04
CA ASN A 171 34.04 -5.41 24.16
C ASN A 171 35.28 -6.24 24.48
N GLU A 172 35.14 -7.57 24.51
CA GLU A 172 36.29 -8.43 24.79
C GLU A 172 37.13 -8.59 23.52
N PHE A 173 36.58 -8.12 22.41
CA PHE A 173 37.24 -8.28 21.12
C PHE A 173 37.44 -6.95 20.45
N ARG A 174 37.42 -5.89 21.25
CA ARG A 174 37.44 -4.54 20.74
C ARG A 174 38.81 -3.87 20.61
N ALA A 175 39.78 -4.31 21.40
CA ALA A 175 41.11 -3.70 21.39
C ALA A 175 41.88 -4.02 20.08
N LYS A 176 42.73 -3.08 19.66
CA LYS A 176 43.53 -3.22 18.42
C LYS A 176 44.24 -4.56 18.29
N ASP A 177 44.70 -5.08 19.43
CA ASP A 177 45.38 -6.37 19.44
C ASP A 177 44.38 -7.49 19.19
N LYS A 178 43.08 -7.20 19.19
CA LYS A 178 42.08 -8.22 18.89
C LYS A 178 41.60 -8.19 17.44
N ILE A 179 41.46 -6.98 16.90
CA ILE A 179 40.92 -6.80 15.55
C ILE A 179 41.51 -5.55 14.90
N ASN A 180 41.78 -5.62 13.61
CA ASN A 180 42.24 -4.48 12.83
C ASN A 180 41.04 -3.84 12.16
N ALA A 181 40.64 -2.67 12.66
CA ALA A 181 39.44 -1.99 12.19
C ALA A 181 39.36 -1.80 10.68
N HIS A 182 40.50 -1.54 10.06
CA HIS A 182 40.51 -1.28 8.62
C HIS A 182 40.77 -2.52 7.76
N ASP A 183 41.74 -3.35 8.14
CA ASP A 183 42.06 -4.52 7.32
C ASP A 183 41.13 -5.71 7.57
N GLU A 184 40.54 -5.80 8.75
CA GLU A 184 39.73 -6.96 9.10
C GLU A 184 38.22 -6.70 9.21
N THR A 185 37.77 -5.58 8.64
CA THR A 185 36.34 -5.31 8.56
C THR A 185 35.82 -6.21 7.46
N ILE A 186 34.52 -6.17 7.23
CA ILE A 186 33.88 -7.00 6.20
C ILE A 186 34.72 -6.99 4.94
N GLY A 187 35.12 -8.18 4.48
CA GLY A 187 35.99 -8.26 3.32
C GLY A 187 35.88 -9.50 2.45
N CYS A 188 36.91 -9.74 1.66
CA CYS A 188 36.90 -10.81 0.67
C CYS A 188 36.53 -12.19 1.24
N ALA A 189 37.06 -12.50 2.42
CA ALA A 189 36.80 -13.81 3.01
C ALA A 189 35.35 -14.03 3.47
N ASN A 190 34.57 -12.95 3.55
CA ASN A 190 33.17 -13.08 3.96
C ASN A 190 32.29 -13.67 2.87
N CYS A 191 32.76 -13.60 1.63
CA CYS A 191 31.94 -14.09 0.53
C CYS A 191 32.72 -15.05 -0.37
N HIS A 192 34.03 -15.11 -0.17
CA HIS A 192 34.87 -15.90 -1.07
C HIS A 192 35.73 -16.97 -0.39
N ASP A 193 35.80 -18.13 -1.01
CA ASP A 193 36.77 -19.13 -0.60
C ASP A 193 38.10 -18.55 -1.07
N PRO A 194 38.97 -18.15 -0.16
CA PRO A 194 40.20 -17.48 -0.57
C PRO A 194 41.03 -18.26 -1.59
N ALA A 195 41.07 -19.59 -1.47
CA ALA A 195 41.89 -20.42 -2.36
C ALA A 195 41.42 -20.42 -3.81
N THR A 196 40.12 -20.61 -4.01
CA THR A 196 39.57 -20.67 -5.36
C THR A 196 38.84 -19.40 -5.77
N MET A 197 38.43 -18.62 -4.77
CA MET A 197 37.64 -17.41 -4.98
C MET A 197 36.18 -17.76 -5.27
N GLU A 198 35.86 -19.05 -5.23
CA GLU A 198 34.48 -19.45 -5.39
C GLU A 198 33.66 -18.79 -4.28
N LEU A 199 32.38 -18.56 -4.53
CA LEU A 199 31.51 -17.95 -3.52
C LEU A 199 31.40 -18.91 -2.35
N ARG A 200 31.47 -18.38 -1.12
CA ARG A 200 31.41 -19.21 0.07
C ARG A 200 30.74 -18.51 1.24
N LEU A 201 29.97 -19.25 2.04
CA LEU A 201 29.36 -18.70 3.24
C LEU A 201 30.26 -18.85 4.46
N TYR A 202 30.47 -17.77 5.20
CA TYR A 202 31.23 -17.84 6.43
C TYR A 202 30.23 -17.88 7.60
N SER A 203 28.99 -17.54 7.28
CA SER A 203 27.94 -17.36 8.29
C SER A 203 27.38 -18.61 8.95
N GLU A 204 27.41 -18.64 10.28
CA GLU A 204 26.88 -19.78 11.05
C GLU A 204 25.35 -19.79 11.01
N PRO A 205 24.73 -18.64 11.28
CA PRO A 205 23.26 -18.56 11.27
C PRO A 205 22.65 -18.88 9.90
N LEU A 206 23.26 -18.41 8.82
CA LEU A 206 22.73 -18.75 7.50
C LEU A 206 22.92 -20.24 7.23
N LYS A 207 24.08 -20.77 7.59
CA LYS A 207 24.32 -22.19 7.41
C LYS A 207 23.36 -23.01 8.27
N ASP A 208 23.09 -22.53 9.47
CA ASP A 208 22.11 -23.20 10.34
C ASP A 208 20.79 -23.29 9.57
N TRP A 209 20.35 -22.17 9.03
CA TRP A 209 19.10 -22.12 8.29
C TRP A 209 19.06 -23.10 7.13
N LEU A 210 20.10 -23.08 6.30
CA LEU A 210 20.14 -23.96 5.13
C LEU A 210 20.07 -25.42 5.58
N LYS A 211 20.76 -25.72 6.66
CA LYS A 211 20.75 -27.05 7.25
C LYS A 211 19.34 -27.38 7.76
N ARG A 212 18.73 -26.48 8.54
CA ARG A 212 17.35 -26.67 9.04
C ARG A 212 16.36 -26.91 7.92
N SER A 213 16.49 -26.13 6.86
CA SER A 213 15.51 -26.17 5.77
C SER A 213 15.84 -27.20 4.71
N GLY A 214 16.92 -27.95 4.93
CA GLY A 214 17.30 -29.01 4.02
C GLY A 214 17.89 -28.53 2.71
N LYS A 215 18.45 -27.33 2.71
CA LYS A 215 19.10 -26.79 1.52
C LYS A 215 20.59 -27.10 1.55
N ASP A 216 21.25 -26.96 0.41
CA ASP A 216 22.65 -27.38 0.31
C ASP A 216 23.43 -26.52 -0.67
N TRP A 217 24.39 -25.77 -0.13
CA TRP A 217 25.23 -24.85 -0.88
C TRP A 217 25.77 -25.42 -2.21
N GLN A 218 26.35 -26.60 -2.13
CA GLN A 218 26.93 -27.26 -3.31
C GLN A 218 25.94 -27.51 -4.45
N LYS A 219 24.66 -27.68 -4.12
CA LYS A 219 23.67 -27.93 -5.15
C LYS A 219 22.94 -26.67 -5.60
N MET A 220 23.37 -25.52 -5.07
CA MET A 220 22.71 -24.27 -5.39
C MET A 220 23.25 -23.58 -6.63
N SER A 221 22.37 -22.87 -7.32
CA SER A 221 22.76 -22.16 -8.52
C SER A 221 23.63 -20.94 -8.19
N ARG A 222 24.47 -20.59 -9.16
CA ARG A 222 25.30 -19.40 -9.10
C ARG A 222 24.37 -18.23 -8.79
N ASN A 223 23.24 -18.22 -9.49
CA ASN A 223 22.23 -17.20 -9.28
C ASN A 223 21.80 -17.09 -7.82
N GLU A 224 21.38 -18.20 -7.22
CA GLU A 224 20.94 -18.16 -5.84
C GLU A 224 22.06 -17.71 -4.90
N LYS A 225 23.28 -18.15 -5.19
CA LYS A 225 24.43 -17.75 -4.37
C LYS A 225 24.67 -16.25 -4.44
N ARG A 226 24.38 -15.66 -5.59
CA ARG A 226 24.55 -14.22 -5.78
C ARG A 226 23.62 -13.38 -4.92
N THR A 227 22.69 -14.06 -4.25
CA THR A 227 21.81 -13.42 -3.28
C THR A 227 22.21 -13.86 -1.86
N LEU A 228 22.41 -15.17 -1.69
CA LEU A 228 22.74 -15.72 -0.38
C LEU A 228 23.94 -15.09 0.34
N VAL A 229 24.98 -14.68 -0.40
CA VAL A 229 26.11 -14.05 0.26
C VAL A 229 25.69 -12.79 0.99
N CYS A 230 24.69 -12.08 0.47
CA CYS A 230 24.20 -10.87 1.16
C CYS A 230 23.26 -11.29 2.29
N ALA A 231 22.48 -12.34 2.07
CA ALA A 231 21.56 -12.84 3.09
C ALA A 231 22.27 -13.34 4.35
N GLN A 232 23.59 -13.37 4.34
CA GLN A 232 24.33 -13.80 5.52
C GLN A 232 24.19 -12.73 6.58
N CYS A 233 23.97 -11.49 6.14
CA CYS A 233 23.99 -10.36 7.07
C CYS A 233 22.78 -9.44 6.94
N HIS A 234 22.27 -9.27 5.73
CA HIS A 234 21.16 -8.34 5.49
C HIS A 234 19.80 -8.97 5.74
N VAL A 235 19.58 -9.37 6.99
CA VAL A 235 18.37 -10.06 7.37
C VAL A 235 18.00 -9.69 8.79
N GLU A 236 16.80 -10.08 9.19
CA GLU A 236 16.35 -9.90 10.55
C GLU A 236 16.88 -11.11 11.33
N TYR A 237 17.21 -10.90 12.60
CA TYR A 237 17.77 -11.97 13.39
C TYR A 237 17.41 -11.74 14.84
N TYR A 238 17.77 -12.69 15.70
CA TYR A 238 17.61 -12.53 17.14
C TYR A 238 18.68 -13.34 17.89
N PHE A 239 18.79 -13.09 19.19
CA PHE A 239 19.78 -13.78 20.01
C PHE A 239 19.10 -14.87 20.83
N THR A 240 19.56 -16.10 20.66
CA THR A 240 19.03 -17.25 21.40
C THR A 240 18.96 -16.99 22.90
N HIS A 241 17.82 -17.28 23.51
CA HIS A 241 17.74 -17.17 24.96
C HIS A 241 18.39 -18.42 25.52
N LYS A 242 19.13 -18.28 26.62
CA LYS A 242 19.88 -19.43 27.16
C LYS A 242 19.05 -20.67 27.45
N ASP A 243 17.75 -20.53 27.72
CA ASP A 243 16.92 -21.69 28.03
C ASP A 243 16.80 -22.61 26.83
N ASN A 244 17.01 -22.07 25.63
CA ASN A 244 16.74 -22.82 24.40
C ASN A 244 17.94 -23.22 23.56
N GLY A 245 19.13 -22.77 23.96
CA GLY A 245 20.33 -23.09 23.21
C GLY A 245 21.47 -22.27 23.73
N PRO A 246 22.61 -22.34 23.05
CA PRO A 246 23.78 -21.60 23.48
C PRO A 246 23.44 -20.12 23.55
N ALA A 247 23.61 -19.54 24.73
CA ALA A 247 23.29 -18.14 24.94
C ALA A 247 23.77 -17.21 23.82
N ALA A 248 22.84 -16.41 23.32
CA ALA A 248 23.11 -15.37 22.33
C ALA A 248 23.49 -15.86 20.95
N LYS A 249 23.45 -17.16 20.70
CA LYS A 249 23.72 -17.58 19.34
C LYS A 249 22.68 -16.93 18.43
N PRO A 250 23.13 -16.41 17.29
CA PRO A 250 22.22 -15.75 16.35
C PRO A 250 21.35 -16.70 15.56
N VAL A 251 20.07 -16.33 15.43
CA VAL A 251 19.13 -17.11 14.66
C VAL A 251 18.32 -16.20 13.71
N PHE A 252 18.07 -16.72 12.51
CA PHE A 252 17.27 -16.02 11.53
C PHE A 252 15.88 -16.64 11.68
N PRO A 253 14.89 -15.88 12.12
CA PRO A 253 13.57 -16.43 12.49
C PRO A 253 12.69 -16.71 11.28
N TRP A 254 13.08 -17.68 10.45
CA TRP A 254 12.43 -17.88 9.17
C TRP A 254 11.55 -19.11 9.06
N ASP A 255 11.47 -19.90 10.13
CA ASP A 255 10.74 -21.16 10.08
C ASP A 255 9.26 -21.05 9.74
N ASN A 256 8.64 -19.91 10.04
CA ASN A 256 7.22 -19.71 9.73
C ASN A 256 6.99 -18.98 8.40
N GLY A 257 8.07 -18.63 7.71
CA GLY A 257 7.97 -17.84 6.50
C GLY A 257 8.76 -16.55 6.66
N PHE A 258 8.87 -15.76 5.58
CA PHE A 258 9.65 -14.52 5.65
C PHE A 258 8.83 -13.25 5.90
N ASN A 259 7.52 -13.36 5.89
CA ASN A 259 6.69 -12.17 6.03
C ASN A 259 6.50 -11.71 7.47
N PRO A 260 6.17 -10.44 7.65
CA PRO A 260 5.97 -9.86 8.99
C PRO A 260 5.00 -10.67 9.83
N GLU A 261 3.91 -11.14 9.23
CA GLU A 261 2.96 -11.95 9.98
C GLU A 261 3.64 -13.24 10.42
N ASP A 262 4.45 -13.81 9.52
CA ASP A 262 5.16 -15.04 9.83
C ASP A 262 6.07 -14.86 11.04
N MET A 263 6.80 -13.76 11.06
CA MET A 263 7.75 -13.50 12.12
C MET A 263 7.00 -13.21 13.41
N TYR A 264 5.90 -12.50 13.30
CA TYR A 264 5.10 -12.23 14.47
C TYR A 264 4.64 -13.55 15.10
N GLN A 265 4.20 -14.50 14.27
CA GLN A 265 3.76 -15.80 14.79
C GLN A 265 4.94 -16.57 15.34
N TYR A 266 6.07 -16.49 14.63
CA TYR A 266 7.28 -17.19 15.05
C TYR A 266 7.65 -16.78 16.47
N TYR A 267 7.59 -15.48 16.73
CA TYR A 267 7.99 -14.93 18.04
C TYR A 267 6.99 -15.14 19.19
N LYS A 268 5.97 -15.95 18.95
CA LYS A 268 5.08 -16.33 20.05
C LYS A 268 5.78 -17.40 20.88
N GLY A 269 6.87 -17.94 20.31
CA GLY A 269 7.71 -18.92 20.98
C GLY A 269 9.15 -18.44 21.07
N HIS A 270 10.04 -19.36 21.40
CA HIS A 270 11.49 -19.10 21.46
C HIS A 270 11.96 -18.17 22.58
N GLY A 271 11.06 -17.77 23.47
CA GLY A 271 11.43 -16.93 24.59
C GLY A 271 11.80 -17.77 25.81
N ALA A 272 11.88 -17.14 26.97
CA ALA A 272 12.19 -17.85 28.21
C ALA A 272 11.17 -18.93 28.53
N LYS A 273 11.66 -20.01 29.12
CA LYS A 273 10.80 -21.10 29.52
C LYS A 273 10.10 -20.80 30.82
N GLY A 274 8.91 -21.37 30.97
CA GLY A 274 8.22 -21.33 32.23
C GLY A 274 8.60 -22.63 32.93
N PRO A 275 8.10 -22.78 34.16
CA PRO A 275 8.35 -23.97 34.98
C PRO A 275 8.15 -25.30 34.26
N ASP A 276 7.19 -25.39 33.34
CA ASP A 276 6.94 -26.66 32.66
C ASP A 276 7.86 -26.89 31.46
N GLY A 277 8.82 -25.99 31.28
CA GLY A 277 9.76 -26.14 30.19
C GLY A 277 9.34 -25.59 28.84
N LYS A 278 8.14 -25.03 28.76
CA LYS A 278 7.68 -24.45 27.51
C LYS A 278 8.14 -23.00 27.33
N PRO A 279 8.81 -22.73 26.22
CA PRO A 279 9.32 -21.39 25.89
C PRO A 279 8.16 -20.43 25.70
N GLY A 280 8.21 -19.26 26.32
CA GLY A 280 7.18 -18.25 26.15
C GLY A 280 7.49 -17.42 24.90
N PRO A 281 6.76 -16.32 24.74
CA PRO A 281 6.96 -15.46 23.57
C PRO A 281 8.30 -14.76 23.71
N PHE A 282 9.02 -14.60 22.62
CA PHE A 282 10.29 -13.93 22.66
C PHE A 282 10.08 -12.46 22.95
N VAL A 283 11.02 -11.85 23.65
CA VAL A 283 10.97 -10.42 23.88
C VAL A 283 12.38 -9.83 23.72
N ASP A 284 12.50 -8.75 22.95
CA ASP A 284 13.78 -8.07 22.80
C ASP A 284 13.98 -7.09 23.97
N TRP A 285 12.94 -6.34 24.30
CA TRP A 285 12.98 -5.44 25.44
C TRP A 285 11.54 -5.06 25.81
N VAL A 286 11.40 -4.51 27.01
CA VAL A 286 10.11 -4.04 27.50
C VAL A 286 10.05 -2.52 27.29
N HIS A 287 9.11 -2.04 26.49
CA HIS A 287 9.07 -0.61 26.23
C HIS A 287 8.99 0.18 27.54
N ALA A 288 9.91 1.13 27.74
CA ALA A 288 9.96 1.91 28.98
C ALA A 288 8.73 2.79 29.26
N ALA A 289 7.90 3.02 28.26
CA ALA A 289 6.72 3.84 28.50
C ALA A 289 5.48 2.98 28.67
N SER A 290 5.19 2.19 27.65
CA SER A 290 4.03 1.33 27.67
C SER A 290 4.23 0.00 28.41
N LYS A 291 5.47 -0.41 28.61
CA LYS A 291 5.77 -1.69 29.28
C LYS A 291 5.38 -2.91 28.46
N VAL A 292 5.19 -2.70 27.15
CA VAL A 292 4.87 -3.80 26.27
C VAL A 292 6.16 -4.53 25.89
N PRO A 293 6.10 -5.86 25.89
CA PRO A 293 7.26 -6.68 25.49
C PRO A 293 7.41 -6.56 23.97
N MET A 294 8.51 -6.00 23.51
CA MET A 294 8.64 -5.69 22.09
C MET A 294 9.55 -6.62 21.31
N ILE A 295 9.34 -6.63 20.00
CA ILE A 295 10.22 -7.33 19.08
C ILE A 295 10.93 -6.26 18.26
N LYS A 296 12.25 -6.37 18.14
CA LYS A 296 12.98 -5.44 17.31
C LYS A 296 13.22 -6.06 15.96
N MET A 297 12.90 -5.35 14.89
CA MET A 297 13.24 -5.83 13.56
C MET A 297 14.58 -5.21 13.15
N GLN A 298 15.43 -5.96 12.45
CA GLN A 298 16.67 -5.40 11.89
C GLN A 298 16.77 -5.74 10.41
N HIS A 299 17.14 -4.74 9.62
CA HIS A 299 17.42 -4.87 8.19
C HIS A 299 16.99 -6.15 7.45
N PRO A 300 15.69 -6.41 7.34
CA PRO A 300 15.19 -7.59 6.62
C PRO A 300 15.29 -7.49 5.10
N GLU A 301 16.43 -7.09 4.55
CA GLU A 301 16.51 -6.98 3.08
C GLU A 301 16.14 -8.28 2.36
N TYR A 302 16.72 -9.39 2.77
CA TYR A 302 16.47 -10.64 2.07
C TYR A 302 15.02 -11.05 2.14
N GLU A 303 14.46 -11.06 3.35
CA GLU A 303 13.08 -11.49 3.58
C GLU A 303 12.11 -10.61 2.81
N THR A 304 12.45 -9.33 2.70
CA THR A 304 11.58 -8.38 2.03
C THR A 304 11.62 -8.55 0.52
N PHE A 305 12.84 -8.62 0.01
CA PHE A 305 13.06 -8.68 -1.43
C PHE A 305 12.75 -10.01 -2.12
N GLN A 306 12.90 -11.13 -1.41
CA GLN A 306 12.77 -12.45 -2.07
C GLN A 306 11.41 -12.76 -2.71
N ASP A 307 10.33 -12.18 -2.18
CA ASP A 307 9.02 -12.38 -2.80
C ASP A 307 8.51 -11.10 -3.46
N GLY A 308 9.42 -10.18 -3.76
CA GLY A 308 9.07 -8.97 -4.47
C GLY A 308 9.15 -9.17 -5.97
N PRO A 309 8.85 -8.12 -6.73
CA PRO A 309 8.84 -8.22 -8.20
C PRO A 309 10.16 -8.68 -8.79
N HIS A 310 11.30 -8.30 -8.20
CA HIS A 310 12.59 -8.78 -8.69
C HIS A 310 12.96 -10.12 -8.10
N GLY A 311 12.92 -10.23 -6.78
CA GLY A 311 13.31 -11.44 -6.11
C GLY A 311 12.52 -12.64 -6.55
N ALA A 312 11.21 -12.47 -6.71
CA ALA A 312 10.36 -13.58 -7.14
C ALA A 312 10.67 -14.00 -8.57
N ALA A 313 11.32 -13.13 -9.32
CA ALA A 313 11.61 -13.43 -10.72
C ALA A 313 12.99 -14.04 -10.91
N GLY A 314 13.68 -14.33 -9.82
CA GLY A 314 15.03 -14.89 -9.88
C GLY A 314 16.13 -13.85 -10.06
N VAL A 315 15.81 -12.58 -9.79
CA VAL A 315 16.81 -11.52 -9.88
C VAL A 315 17.55 -11.50 -8.55
N SER A 316 18.87 -11.36 -8.58
CA SER A 316 19.64 -11.42 -7.33
C SER A 316 20.10 -10.06 -6.83
N CYS A 317 20.50 -9.98 -5.55
CA CYS A 317 21.05 -8.74 -5.00
C CYS A 317 22.17 -8.25 -5.90
N ALA A 318 23.05 -9.16 -6.31
CA ALA A 318 24.23 -8.80 -7.08
C ALA A 318 23.89 -8.20 -8.43
N ASP A 319 22.77 -8.64 -9.03
CA ASP A 319 22.37 -8.09 -10.32
C ASP A 319 22.24 -6.56 -10.27
N CYS A 320 21.75 -6.02 -9.16
CA CYS A 320 21.53 -4.58 -9.07
C CYS A 320 22.63 -3.85 -8.32
N HIS A 321 23.25 -4.55 -7.37
CA HIS A 321 24.23 -3.93 -6.52
C HIS A 321 25.67 -4.25 -6.91
N MET A 322 25.85 -5.21 -7.81
CA MET A 322 27.19 -5.58 -8.25
C MET A 322 27.23 -5.72 -9.76
N GLN A 323 26.86 -4.65 -10.45
CA GLN A 323 26.81 -4.63 -11.92
C GLN A 323 28.13 -5.05 -12.56
N TYR A 324 28.07 -5.69 -13.72
CA TYR A 324 29.30 -6.01 -14.44
C TYR A 324 29.88 -4.72 -15.01
N ILE A 332 34.71 -7.78 -15.05
CA ILE A 332 34.64 -7.89 -13.58
C ILE A 332 33.27 -7.55 -13.00
N SER A 333 33.08 -7.92 -11.73
CA SER A 333 31.88 -7.57 -10.99
C SER A 333 32.27 -6.36 -10.17
N SER A 334 31.49 -5.29 -10.28
CA SER A 334 31.77 -4.10 -9.49
C SER A 334 31.57 -4.48 -8.04
N HIS A 335 32.51 -4.10 -7.18
CA HIS A 335 32.41 -4.44 -5.77
C HIS A 335 32.05 -3.24 -4.93
N TRP A 336 31.52 -2.22 -5.60
CA TRP A 336 31.05 -1.03 -4.91
C TRP A 336 29.61 -1.34 -4.53
N MET A 337 29.39 -1.68 -3.27
CA MET A 337 28.07 -2.07 -2.78
C MET A 337 27.41 -0.89 -2.08
N THR A 338 26.55 -0.21 -2.82
CA THR A 338 26.03 1.06 -2.33
C THR A 338 24.67 1.27 -2.98
N SER A 339 24.17 2.50 -2.94
CA SER A 339 22.89 2.78 -3.57
C SER A 339 23.01 2.88 -5.08
N PRO A 340 22.22 2.09 -5.80
CA PRO A 340 22.19 2.17 -7.26
C PRO A 340 21.68 3.54 -7.72
N MET A 341 21.00 4.27 -6.84
CA MET A 341 20.48 5.60 -7.21
C MET A 341 21.57 6.67 -7.30
N LYS A 342 22.80 6.33 -6.95
CA LYS A 342 23.89 7.31 -7.08
C LYS A 342 24.24 7.58 -8.54
N ASP A 343 23.91 6.63 -9.40
CA ASP A 343 24.21 6.71 -10.83
C ASP A 343 23.05 7.28 -11.67
N PRO A 344 23.21 8.51 -12.17
CA PRO A 344 22.15 9.18 -12.93
C PRO A 344 21.66 8.34 -14.11
N GLU A 345 22.54 7.52 -14.68
CA GLU A 345 22.19 6.69 -15.83
C GLU A 345 21.67 5.31 -15.43
N MET A 346 21.77 4.98 -14.15
CA MET A 346 21.25 3.70 -13.66
C MET A 346 21.74 2.50 -14.49
N ARG A 347 23.04 2.49 -14.78
CA ARG A 347 23.67 1.43 -15.58
C ARG A 347 23.39 0.04 -15.08
N ALA A 348 23.42 -0.12 -13.76
CA ALA A 348 23.14 -1.41 -13.15
C ALA A 348 21.76 -1.95 -13.45
N CYS A 349 20.85 -1.10 -13.93
CA CYS A 349 19.49 -1.57 -14.20
C CYS A 349 19.29 -1.84 -15.69
N ARG A 350 20.09 -1.20 -16.52
CA ARG A 350 19.85 -1.23 -17.96
C ARG A 350 20.36 -2.42 -18.73
N GLN A 351 20.87 -3.43 -18.07
CA GLN A 351 21.23 -4.61 -18.83
C GLN A 351 19.96 -5.46 -18.89
N CYS A 352 19.02 -5.14 -18.01
CA CYS A 352 17.72 -5.81 -18.04
C CYS A 352 16.67 -4.84 -18.62
N HIS A 353 16.76 -3.58 -18.25
CA HIS A 353 15.80 -2.58 -18.72
C HIS A 353 16.46 -1.70 -19.77
N ALA A 354 16.92 -2.31 -20.86
CA ALA A 354 17.67 -1.61 -21.91
C ALA A 354 16.93 -0.47 -22.59
N ASP A 355 15.60 -0.53 -22.63
CA ASP A 355 14.82 0.48 -23.33
C ASP A 355 14.42 1.67 -22.46
N LYS A 356 14.91 1.71 -21.23
CA LYS A 356 14.55 2.78 -20.32
C LYS A 356 15.72 3.70 -20.04
N THR A 357 15.44 4.98 -19.89
CA THR A 357 16.46 5.96 -19.52
C THR A 357 16.65 5.86 -18.01
N GLY A 358 17.79 6.37 -17.54
CA GLY A 358 18.07 6.42 -16.12
C GLY A 358 17.03 7.25 -15.39
N GLU A 359 16.71 8.42 -15.94
CA GLU A 359 15.70 9.26 -15.30
C GLU A 359 14.39 8.49 -15.08
N TYR A 360 13.96 7.76 -16.10
CA TYR A 360 12.71 7.02 -15.98
C TYR A 360 12.78 6.02 -14.82
N LEU A 361 13.86 5.25 -14.80
CA LEU A 361 14.05 4.24 -13.77
C LEU A 361 14.08 4.90 -12.38
N ARG A 362 14.74 6.04 -12.29
CA ARG A 362 14.83 6.77 -11.02
C ARG A 362 13.44 7.18 -10.53
N GLN A 363 12.64 7.72 -11.44
CA GLN A 363 11.29 8.16 -11.09
C GLN A 363 10.44 6.98 -10.61
N ARG A 364 10.65 5.80 -11.17
CA ARG A 364 9.82 4.65 -10.80
C ARG A 364 10.23 4.14 -9.42
N VAL A 365 11.49 4.33 -9.08
CA VAL A 365 11.95 3.99 -7.75
C VAL A 365 11.30 4.92 -6.76
N LEU A 366 11.39 6.22 -7.05
CA LEU A 366 10.81 7.24 -6.18
C LEU A 366 9.30 7.14 -6.08
N TYR A 367 8.65 6.66 -7.14
CA TYR A 367 7.21 6.54 -7.11
C TYR A 367 6.80 5.70 -5.89
N THR A 368 7.54 4.63 -5.63
CA THR A 368 7.28 3.78 -4.47
C THR A 368 7.83 4.35 -3.16
N GLN A 369 9.07 4.83 -3.18
CA GLN A 369 9.71 5.30 -1.96
C GLN A 369 9.00 6.47 -1.27
N GLN A 370 8.57 7.45 -2.06
CA GLN A 370 7.90 8.62 -1.50
C GLN A 370 6.61 8.23 -0.79
N LYS A 371 5.86 7.31 -1.40
CA LYS A 371 4.63 6.79 -0.81
C LYS A 371 4.94 6.00 0.45
N THR A 372 5.96 5.15 0.39
CA THR A 372 6.36 4.33 1.51
C THR A 372 6.89 5.20 2.65
N PHE A 373 7.70 6.20 2.31
CA PHE A 373 8.21 7.04 3.37
C PHE A 373 7.08 7.83 4.06
N ASP A 374 6.18 8.42 3.28
CA ASP A 374 5.09 9.19 3.89
C ASP A 374 4.22 8.34 4.79
N GLN A 375 3.86 7.15 4.33
CA GLN A 375 3.01 6.32 5.14
C GLN A 375 3.73 5.81 6.37
N LEU A 376 5.03 5.56 6.25
CA LEU A 376 5.80 5.03 7.38
C LEU A 376 5.73 6.00 8.56
N LEU A 377 6.00 7.28 8.28
CA LEU A 377 5.96 8.30 9.30
C LEU A 377 4.61 8.29 10.01
N LYS A 378 3.54 8.03 9.26
CA LYS A 378 2.20 7.99 9.84
C LYS A 378 1.99 6.74 10.70
N ALA A 379 2.49 5.59 10.23
CA ALA A 379 2.38 4.36 11.01
C ALA A 379 3.13 4.55 12.31
N GLN A 380 4.23 5.29 12.22
CA GLN A 380 5.06 5.55 13.38
C GLN A 380 4.33 6.42 14.38
N GLU A 381 3.71 7.49 13.88
CA GLU A 381 2.89 8.35 14.74
C GLU A 381 1.83 7.52 15.46
N MET A 382 1.14 6.67 14.72
CA MET A 382 0.06 5.85 15.28
C MET A 382 0.61 4.88 16.32
N SER A 383 1.83 4.41 16.10
CA SER A 383 2.45 3.48 17.03
C SER A 383 2.75 4.21 18.34
N VAL A 384 3.23 5.45 18.24
CA VAL A 384 3.48 6.23 19.44
C VAL A 384 2.17 6.44 20.22
N LYS A 385 1.10 6.78 19.51
CA LYS A 385 -0.18 6.99 20.16
C LYS A 385 -0.64 5.69 20.86
N ALA A 386 -0.34 4.56 20.25
CA ALA A 386 -0.72 3.28 20.83
C ALA A 386 0.06 3.00 22.11
N HIS A 387 1.34 3.32 22.12
CA HIS A 387 2.13 3.13 23.31
C HIS A 387 1.58 4.06 24.40
N GLU A 388 1.31 5.30 24.02
CA GLU A 388 0.83 6.29 24.97
C GLU A 388 -0.54 5.87 25.53
N ALA A 389 -1.41 5.33 24.67
CA ALA A 389 -2.71 4.85 25.14
C ALA A 389 -2.57 3.73 26.18
N VAL A 390 -1.70 2.77 25.90
CA VAL A 390 -1.47 1.71 26.87
C VAL A 390 -0.85 2.27 28.15
N ARG A 391 0.09 3.21 28.01
CA ARG A 391 0.67 3.83 29.20
C ARG A 391 -0.39 4.57 30.04
N LEU A 392 -1.21 5.39 29.39
CA LEU A 392 -2.25 6.14 30.09
C LEU A 392 -3.23 5.20 30.77
N ALA A 393 -3.59 4.11 30.08
CA ALA A 393 -4.50 3.15 30.67
C ALA A 393 -3.86 2.48 31.88
N ASN A 394 -2.58 2.10 31.81
CA ASN A 394 -1.92 1.48 32.95
C ASN A 394 -1.95 2.39 34.18
N ALA A 395 -1.87 3.70 33.95
CA ALA A 395 -1.85 4.68 35.02
C ALA A 395 -3.24 5.17 35.43
N TYR A 396 -4.26 4.77 34.66
CA TYR A 396 -5.61 5.29 34.89
C TYR A 396 -6.20 4.98 36.27
N GLU A 397 -6.73 6.01 36.94
CA GLU A 397 -7.26 5.84 38.29
C GLU A 397 -8.78 5.86 38.38
N GLY A 398 -9.42 6.17 37.26
CA GLY A 398 -10.87 6.25 37.22
C GLY A 398 -11.56 4.91 37.03
N HIS A 399 -12.86 4.95 36.74
CA HIS A 399 -13.64 3.72 36.59
C HIS A 399 -13.16 2.83 35.46
N ARG A 400 -12.81 1.59 35.76
CA ARG A 400 -12.37 0.69 34.70
C ARG A 400 -13.54 -0.11 34.15
N ALA A 401 -13.38 -0.59 32.91
CA ALA A 401 -14.38 -1.46 32.32
C ALA A 401 -14.25 -2.81 32.99
N ALA A 402 -15.34 -3.56 33.06
CA ALA A 402 -15.31 -4.86 33.71
C ALA A 402 -14.31 -5.82 33.08
N ASN A 403 -14.12 -5.74 31.78
CA ASN A 403 -13.17 -6.61 31.12
C ASN A 403 -11.83 -5.90 30.84
N TYR A 404 -11.45 -5.01 31.75
CA TYR A 404 -10.20 -4.26 31.64
C TYR A 404 -8.99 -5.14 31.29
N GLU A 405 -8.75 -6.20 32.08
CA GLU A 405 -7.54 -6.98 31.89
C GLU A 405 -7.47 -7.66 30.52
N ALA A 406 -8.58 -8.20 30.05
CA ALA A 406 -8.58 -8.85 28.75
C ALA A 406 -8.38 -7.81 27.64
N LEU A 407 -8.98 -6.63 27.80
CA LEU A 407 -8.84 -5.57 26.80
C LEU A 407 -7.38 -5.09 26.73
N MET A 408 -6.75 -4.92 27.89
CA MET A 408 -5.36 -4.48 27.95
C MET A 408 -4.42 -5.52 27.36
N ALA A 409 -4.68 -6.80 27.61
CA ALA A 409 -3.81 -7.83 27.11
C ALA A 409 -3.81 -7.78 25.59
N GLU A 410 -4.99 -7.58 25.02
CA GLU A 410 -5.11 -7.50 23.58
C GLU A 410 -4.52 -6.19 23.08
N ALA A 411 -4.66 -5.13 23.86
CA ALA A 411 -4.10 -3.85 23.43
C ALA A 411 -2.58 -3.95 23.35
N ARG A 412 -1.97 -4.60 24.33
CA ARG A 412 -0.51 -4.74 24.36
C ARG A 412 -0.04 -5.51 23.15
N GLU A 413 -0.67 -6.66 22.93
CA GLU A 413 -0.34 -7.50 21.79
C GLU A 413 -0.42 -6.69 20.48
N MET A 414 -1.39 -5.80 20.38
CA MET A 414 -1.54 -5.00 19.16
C MET A 414 -0.45 -3.95 19.06
N VAL A 415 0.04 -3.45 20.20
CA VAL A 415 1.14 -2.50 20.17
C VAL A 415 2.37 -3.22 19.61
N ARG A 416 2.63 -4.39 20.17
CA ARG A 416 3.75 -5.23 19.78
C ARG A 416 3.70 -5.60 18.29
N LYS A 417 2.53 -6.05 17.85
CA LYS A 417 2.37 -6.44 16.44
C LYS A 417 2.45 -5.22 15.51
N GLY A 418 1.81 -4.13 15.88
CA GLY A 418 1.86 -2.95 15.05
C GLY A 418 3.30 -2.50 14.85
N GLN A 419 4.07 -2.51 15.93
CA GLN A 419 5.44 -2.06 15.87
C GLN A 419 6.31 -3.03 15.08
N LEU A 420 6.15 -4.32 15.31
CA LEU A 420 6.91 -5.28 14.51
C LEU A 420 6.69 -4.96 13.03
N PHE A 421 5.43 -4.70 12.66
CA PHE A 421 5.11 -4.40 11.28
C PHE A 421 5.76 -3.11 10.73
N TRP A 422 5.61 -1.96 11.39
CA TRP A 422 6.27 -0.79 10.80
C TRP A 422 7.80 -0.93 10.81
N ASP A 423 8.33 -1.54 11.87
CA ASP A 423 9.79 -1.70 11.98
C ASP A 423 10.32 -2.55 10.84
N TYR A 424 9.54 -3.55 10.44
CA TYR A 424 9.93 -4.43 9.34
C TYR A 424 10.17 -3.61 8.07
N VAL A 425 9.35 -2.58 7.87
CA VAL A 425 9.51 -1.70 6.73
C VAL A 425 10.61 -0.67 6.98
N SER A 426 10.52 0.04 8.10
CA SER A 426 11.51 1.06 8.48
C SER A 426 12.96 0.54 8.50
N ALA A 427 13.16 -0.59 9.15
CA ALA A 427 14.50 -1.16 9.28
C ALA A 427 15.09 -1.58 7.95
N GLU A 428 14.21 -1.82 6.98
CA GLU A 428 14.63 -2.30 5.68
C GLU A 428 15.15 -1.09 4.90
N ASN A 429 16.25 -1.30 4.19
CA ASN A 429 16.99 -0.20 3.59
C ASN A 429 16.56 0.31 2.22
N SER A 430 15.51 -0.25 1.64
CA SER A 430 15.11 0.19 0.31
C SER A 430 13.93 1.17 0.28
N VAL A 431 13.33 1.41 1.43
CA VAL A 431 12.21 2.34 1.52
C VAL A 431 11.10 1.95 0.55
N GLY A 432 10.76 0.68 0.58
CA GLY A 432 9.70 0.18 -0.27
C GLY A 432 10.09 -0.38 -1.62
N PHE A 433 11.24 0.03 -2.18
CA PHE A 433 11.56 -0.41 -3.53
C PHE A 433 11.83 -1.90 -3.72
N HIS A 434 12.44 -2.57 -2.74
CA HIS A 434 12.71 -3.97 -2.97
C HIS A 434 11.39 -4.70 -3.21
N ASN A 435 10.33 -4.27 -2.51
CA ASN A 435 9.01 -4.91 -2.61
C ASN A 435 7.88 -3.92 -2.25
N PRO A 436 7.47 -3.13 -3.24
CA PRO A 436 6.49 -2.06 -3.04
C PRO A 436 5.18 -2.50 -2.42
N ALA A 437 4.58 -3.56 -2.95
CA ALA A 437 3.30 -4.00 -2.44
C ALA A 437 3.37 -4.47 -0.99
N LYS A 438 4.38 -5.26 -0.66
CA LYS A 438 4.47 -5.77 0.70
C LYS A 438 4.74 -4.64 1.68
N ALA A 439 5.60 -3.71 1.27
CA ALA A 439 5.91 -2.58 2.13
C ALA A 439 4.66 -1.79 2.51
N LEU A 440 3.89 -1.39 1.50
CA LEU A 440 2.70 -0.57 1.74
C LEU A 440 1.61 -1.36 2.48
N ASP A 441 1.41 -2.62 2.10
CA ASP A 441 0.42 -3.45 2.75
C ASP A 441 0.82 -3.60 4.20
N THR A 442 2.12 -3.78 4.44
CA THR A 442 2.63 -3.95 5.79
C THR A 442 2.44 -2.70 6.64
N LEU A 443 2.59 -1.54 6.03
CA LEU A 443 2.41 -0.30 6.76
C LEU A 443 0.95 -0.10 7.13
N MET A 444 0.06 -0.48 6.21
CA MET A 444 -1.35 -0.35 6.49
C MET A 444 -1.80 -1.25 7.65
N THR A 445 -1.33 -2.50 7.65
CA THR A 445 -1.66 -3.40 8.73
C THR A 445 -1.07 -2.88 10.02
N SER A 446 0.17 -2.39 9.98
CA SER A 446 0.77 -1.84 11.19
C SER A 446 -0.17 -0.81 11.81
N MET A 447 -0.61 0.15 11.02
CA MET A 447 -1.50 1.19 11.52
C MET A 447 -2.80 0.65 12.07
N GLU A 448 -3.36 -0.37 11.41
CA GLU A 448 -4.59 -0.98 11.88
C GLU A 448 -4.36 -1.54 13.27
N CYS A 449 -3.24 -2.25 13.46
CA CYS A 449 -2.92 -2.84 14.76
C CYS A 449 -2.77 -1.76 15.83
N SER A 450 -2.02 -0.71 15.54
CA SER A 450 -1.82 0.36 16.50
C SER A 450 -3.14 1.06 16.85
N GLN A 451 -3.97 1.31 15.85
CA GLN A 451 -5.26 1.93 16.12
C GLN A 451 -6.12 1.02 17.03
N LYS A 452 -6.02 -0.29 16.81
CA LYS A 452 -6.75 -1.26 17.64
C LYS A 452 -6.29 -1.13 19.08
N ALA A 453 -4.98 -1.03 19.27
CA ALA A 453 -4.44 -0.86 20.60
C ALA A 453 -5.00 0.40 21.25
N VAL A 454 -5.06 1.48 20.49
CA VAL A 454 -5.60 2.72 21.03
C VAL A 454 -7.05 2.52 21.45
N ASP A 455 -7.82 1.89 20.57
CA ASP A 455 -9.22 1.61 20.85
C ASP A 455 -9.46 0.71 22.10
N LEU A 456 -8.73 -0.40 22.18
CA LEU A 456 -8.86 -1.32 23.29
C LEU A 456 -8.48 -0.68 24.63
N ALA A 457 -7.31 -0.04 24.69
CA ALA A 457 -6.86 0.62 25.91
C ALA A 457 -7.83 1.69 26.34
N THR A 458 -8.33 2.46 25.38
CA THR A 458 -9.29 3.51 25.69
C THR A 458 -10.56 2.90 26.28
N GLU A 459 -11.06 1.85 25.63
CA GLU A 459 -12.26 1.18 26.12
C GLU A 459 -12.05 0.60 27.52
N ALA A 460 -10.85 0.11 27.80
CA ALA A 460 -10.55 -0.46 29.10
C ALA A 460 -10.73 0.56 30.22
N THR A 461 -10.48 1.84 29.92
CA THR A 461 -10.64 2.89 30.93
C THR A 461 -12.05 3.43 30.88
N ASP A 462 -12.94 2.65 30.26
CA ASP A 462 -14.31 3.09 30.06
C ASP A 462 -14.34 4.42 29.28
N PHE A 463 -13.25 4.69 28.56
CA PHE A 463 -13.08 5.89 27.71
C PHE A 463 -12.63 7.12 28.48
N GLY A 464 -12.21 6.90 29.71
CA GLY A 464 -11.71 7.99 30.53
C GLY A 464 -10.50 8.66 29.92
N ILE A 465 -9.68 7.91 29.19
CA ILE A 465 -8.49 8.51 28.58
C ILE A 465 -8.69 9.04 27.16
N ALA A 466 -9.91 8.94 26.63
CA ALA A 466 -10.18 9.39 25.27
C ALA A 466 -9.80 10.86 25.01
N PRO A 467 -10.16 11.74 25.94
CA PRO A 467 -9.88 13.18 25.80
C PRO A 467 -8.39 13.47 25.77
N ALA A 468 -7.65 12.70 26.54
CA ALA A 468 -6.21 12.84 26.60
C ALA A 468 -5.51 12.43 25.29
N LEU A 469 -6.13 11.55 24.50
CA LEU A 469 -5.54 11.03 23.28
C LEU A 469 -5.99 11.71 21.99
N ALA A 470 -6.85 12.72 22.12
CA ALA A 470 -7.48 13.37 20.97
C ALA A 470 -6.61 14.32 20.13
N GLY A 471 -5.64 14.97 20.78
CA GLY A 471 -4.85 15.96 20.05
C GLY A 471 -3.78 15.44 19.10
N ASP A 472 -2.82 16.33 18.82
CA ASP A 472 -1.67 16.02 18.00
C ASP A 472 -0.81 15.15 18.90
N ILE A 473 -0.48 13.94 18.47
CA ILE A 473 0.33 13.07 19.30
C ILE A 473 1.67 13.74 19.58
N LYS A 474 2.11 14.57 18.64
CA LYS A 474 3.39 15.25 18.77
C LYS A 474 3.37 16.28 19.89
N LYS A 475 2.18 16.67 20.34
CA LYS A 475 2.07 17.60 21.45
C LYS A 475 2.08 16.85 22.79
N LEU A 476 1.33 15.76 22.84
CA LEU A 476 1.28 14.96 24.06
C LEU A 476 2.57 14.17 24.28
N VAL A 477 3.18 13.70 23.20
CA VAL A 477 4.44 12.95 23.30
C VAL A 477 5.43 13.51 22.29
N PRO A 478 6.15 14.56 22.67
CA PRO A 478 7.10 15.18 21.74
C PRO A 478 8.18 14.19 21.36
N PRO A 479 8.54 14.22 20.09
CA PRO A 479 9.65 13.43 19.57
C PRO A 479 10.93 13.72 20.34
N ILE A 480 11.68 12.68 20.67
CA ILE A 480 12.95 12.84 21.36
C ILE A 480 14.04 13.01 20.33
N LEU A 481 14.56 14.23 20.22
CA LEU A 481 15.59 14.51 19.25
C LEU A 481 16.93 13.96 19.70
N THR A 482 17.23 14.18 20.98
CA THR A 482 18.53 13.85 21.51
C THR A 482 18.48 13.00 22.77
N LEU A 483 19.26 11.93 22.78
CA LEU A 483 19.31 11.04 23.92
C LEU A 483 20.53 10.15 23.78
N SER A 484 21.38 10.16 24.80
CA SER A 484 22.59 9.35 24.76
C SER A 484 22.86 8.74 26.13
N ARG A 485 23.75 7.78 26.18
CA ARG A 485 24.11 7.17 27.45
C ARG A 485 24.65 8.20 28.43
N LYS A 486 25.37 9.19 27.90
CA LYS A 486 25.94 10.24 28.74
C LYS A 486 24.84 11.13 29.28
N LEU A 487 23.94 11.53 28.40
CA LEU A 487 22.84 12.38 28.81
C LEU A 487 21.95 11.69 29.82
N GLN A 488 21.77 10.38 29.70
CA GLN A 488 20.92 9.67 30.65
C GLN A 488 21.53 9.63 32.06
N GLN A 489 22.70 10.24 32.23
CA GLN A 489 23.33 10.32 33.54
C GLN A 489 22.83 11.57 34.27
N ASP A 490 22.13 12.42 33.52
CA ASP A 490 21.75 13.74 34.03
C ASP A 490 20.24 13.89 34.24
N PRO A 491 19.80 13.72 35.49
CA PRO A 491 18.40 13.89 35.86
C PRO A 491 17.72 15.12 35.28
N GLU A 492 18.38 16.27 35.27
CA GLU A 492 17.74 17.47 34.75
C GLU A 492 17.47 17.38 33.27
N PHE A 493 18.35 16.70 32.55
CA PHE A 493 18.14 16.48 31.13
C PHE A 493 16.92 15.59 30.91
N LEU A 494 16.84 14.50 31.67
CA LEU A 494 15.74 13.55 31.55
C LEU A 494 14.36 14.18 31.79
N LYS A 495 14.32 15.21 32.62
CA LYS A 495 13.06 15.88 32.93
C LYS A 495 12.51 16.70 31.77
N GLN A 496 13.36 16.98 30.79
CA GLN A 496 12.95 17.87 29.68
C GLN A 496 11.89 17.29 28.72
N ASN A 497 11.60 16.00 28.84
CA ASN A 497 10.64 15.34 27.96
C ASN A 497 9.86 14.26 28.70
N PRO A 498 8.54 14.25 28.51
CA PRO A 498 7.64 13.34 29.25
C PRO A 498 8.02 11.85 29.18
N TRP A 499 8.68 11.42 28.11
CA TRP A 499 9.06 10.03 28.00
C TRP A 499 10.47 9.77 28.51
N THR A 500 11.40 10.70 28.31
CA THR A 500 12.74 10.49 28.86
C THR A 500 12.62 10.53 30.38
N ARG A 501 11.60 11.21 30.86
CA ARG A 501 11.33 11.31 32.28
C ARG A 501 11.00 9.95 32.85
N LEU A 502 10.65 8.99 31.98
CA LEU A 502 10.33 7.65 32.45
C LEU A 502 11.56 6.76 32.53
N LEU A 503 12.70 7.27 32.12
CA LEU A 503 13.92 6.49 32.17
C LEU A 503 14.60 6.74 33.51
N PRO A 504 15.35 5.76 34.00
CA PRO A 504 16.13 5.94 35.22
C PRO A 504 17.42 6.69 34.90
N ALA A 505 17.89 7.52 35.82
CA ALA A 505 19.19 8.16 35.62
C ALA A 505 20.28 7.09 35.77
N LEU A 506 21.24 7.11 34.85
CA LEU A 506 22.38 6.20 34.92
C LEU A 506 23.42 6.83 35.84
N PRO A 507 24.25 6.01 36.46
CA PRO A 507 25.29 6.48 37.37
C PRO A 507 26.23 7.49 36.72
N LYS A 508 26.62 8.53 37.46
CA LYS A 508 27.62 9.45 36.93
C LYS A 508 28.87 8.63 36.64
N ALA A 509 29.38 8.68 35.42
CA ALA A 509 30.54 7.86 35.07
C ALA A 509 31.33 8.40 33.88
N GLU A 510 32.65 8.27 33.93
CA GLU A 510 33.44 8.77 32.82
C GLU A 510 33.50 7.76 31.68
N GLN A 511 33.72 8.29 30.49
CA GLN A 511 33.82 7.45 29.31
C GLN A 511 35.10 6.63 29.39
N VAL A 512 34.98 5.33 29.20
CA VAL A 512 36.09 4.39 29.33
C VAL A 512 36.63 3.85 28.00
N TRP A 513 35.79 3.86 26.97
CA TRP A 513 36.20 3.37 25.66
C TRP A 513 36.01 4.48 24.62
N GLU A 514 37.00 4.66 23.75
CA GLU A 514 36.82 5.52 22.60
C GLU A 514 37.46 4.83 21.42
N GLY A 515 36.62 4.44 20.47
CA GLY A 515 37.09 3.62 19.38
C GLY A 515 37.60 2.33 20.01
N GLN A 516 38.85 2.01 19.75
CA GLN A 516 39.48 0.82 20.30
C GLN A 516 40.38 1.19 21.48
N ASP A 517 40.55 2.49 21.73
CA ASP A 517 41.41 2.96 22.81
C ASP A 517 40.73 2.94 24.17
N ARG A 518 41.42 2.39 25.17
CA ARG A 518 40.95 2.48 26.54
C ARG A 518 41.35 3.86 27.06
N ALA A 519 40.70 4.31 28.13
CA ALA A 519 40.97 5.62 28.69
C ALA A 519 40.95 5.61 30.22
N THR B 38 -13.37 1.56 -46.78
CA THR B 38 -14.75 0.98 -46.80
C THR B 38 -15.81 2.00 -47.25
N GLY B 39 -17.00 1.50 -47.51
CA GLY B 39 -18.16 2.29 -47.88
C GLY B 39 -19.11 2.46 -46.71
N ILE B 40 -18.72 1.93 -45.55
CA ILE B 40 -19.52 2.07 -44.34
C ILE B 40 -19.64 3.55 -43.96
N ALA B 41 -20.85 3.98 -43.62
CA ALA B 41 -21.11 5.39 -43.29
C ALA B 41 -20.32 5.87 -42.08
N GLU B 42 -19.73 7.06 -42.19
CA GLU B 42 -18.91 7.65 -41.13
C GLU B 42 -19.64 7.66 -39.78
N THR B 43 -20.96 7.62 -39.83
CA THR B 43 -21.77 7.70 -38.63
C THR B 43 -22.48 6.38 -38.29
N GLU B 44 -22.06 5.29 -38.93
CA GLU B 44 -22.69 3.99 -38.74
C GLU B 44 -22.77 3.60 -37.27
N THR B 45 -23.95 3.21 -36.82
CA THR B 45 -24.14 2.81 -35.45
C THR B 45 -24.33 1.31 -35.34
N LYS B 46 -24.53 0.66 -36.47
CA LYS B 46 -24.79 -0.77 -36.46
C LYS B 46 -23.54 -1.61 -36.58
N MET B 47 -23.34 -2.43 -35.57
CA MET B 47 -22.23 -3.37 -35.51
C MET B 47 -22.31 -4.30 -36.72
N SER B 48 -23.51 -4.77 -37.01
CA SER B 48 -23.72 -5.67 -38.16
C SER B 48 -23.21 -5.11 -39.49
N ALA B 49 -23.10 -3.78 -39.61
CA ALA B 49 -22.63 -3.18 -40.87
C ALA B 49 -21.16 -3.45 -41.12
N PHE B 50 -20.47 -3.97 -40.11
CA PHE B 50 -19.04 -4.23 -40.22
C PHE B 50 -18.71 -5.69 -40.41
N LYS B 51 -19.68 -6.56 -40.15
CA LYS B 51 -19.43 -7.99 -40.18
C LYS B 51 -18.89 -8.53 -41.49
N GLY B 52 -19.50 -8.15 -42.60
CA GLY B 52 -19.10 -8.69 -43.89
C GLY B 52 -17.69 -8.34 -44.31
N GLN B 53 -17.28 -7.11 -44.03
CA GLN B 53 -15.95 -6.65 -44.41
C GLN B 53 -14.87 -6.97 -43.37
N PHE B 54 -15.29 -7.22 -42.13
CA PHE B 54 -14.34 -7.54 -41.09
C PHE B 54 -14.81 -8.73 -40.23
N PRO B 55 -14.92 -9.90 -40.86
CA PRO B 55 -15.40 -11.09 -40.17
C PRO B 55 -14.53 -11.51 -38.99
N GLN B 56 -13.22 -11.31 -39.09
CA GLN B 56 -12.33 -11.76 -38.04
C GLN B 56 -12.47 -10.92 -36.78
N GLN B 57 -12.41 -9.60 -36.93
CA GLN B 57 -12.53 -8.73 -35.77
C GLN B 57 -13.95 -8.84 -35.23
N TYR B 58 -14.93 -8.99 -36.11
CA TYR B 58 -16.31 -9.12 -35.68
C TYR B 58 -16.54 -10.38 -34.84
N ALA B 59 -16.04 -11.52 -35.30
CA ALA B 59 -16.22 -12.75 -34.55
C ALA B 59 -15.48 -12.68 -33.22
N SER B 60 -14.37 -11.96 -33.20
CA SER B 60 -13.59 -11.81 -31.99
C SER B 60 -14.38 -10.94 -31.01
N TYR B 61 -15.00 -9.88 -31.53
CA TYR B 61 -15.80 -9.01 -30.70
C TYR B 61 -17.02 -9.77 -30.17
N MET B 62 -17.49 -10.76 -30.93
CA MET B 62 -18.63 -11.54 -30.46
C MET B 62 -18.31 -12.39 -29.22
N LYS B 63 -17.04 -12.68 -28.98
CA LYS B 63 -16.69 -13.44 -27.78
C LYS B 63 -16.99 -12.66 -26.51
N ASN B 64 -17.23 -11.35 -26.64
CA ASN B 64 -17.61 -10.57 -25.48
C ASN B 64 -18.97 -11.02 -24.95
N ASN B 65 -19.63 -11.92 -25.69
CA ASN B 65 -20.92 -12.45 -25.24
C ASN B 65 -20.78 -13.54 -24.21
N GLU B 66 -19.55 -13.96 -23.92
CA GLU B 66 -19.34 -14.96 -22.89
C GLU B 66 -19.48 -14.30 -21.53
N ASP B 67 -20.50 -14.71 -20.78
CA ASP B 67 -20.75 -14.15 -19.47
C ASP B 67 -20.91 -15.26 -18.44
N ARG B 68 -20.03 -16.25 -18.49
CA ARG B 68 -20.11 -17.41 -17.60
C ARG B 68 -18.89 -17.62 -16.70
N ILE B 69 -17.74 -17.07 -17.08
CA ILE B 69 -16.50 -17.31 -16.36
C ILE B 69 -16.15 -16.23 -15.34
N MET B 70 -15.82 -16.66 -14.12
CA MET B 70 -15.32 -15.75 -13.09
C MET B 70 -13.84 -16.06 -12.88
N THR B 71 -13.07 -15.06 -12.46
CA THR B 71 -11.68 -15.29 -12.11
C THR B 71 -11.63 -15.19 -10.60
N ASP B 72 -10.45 -15.01 -10.03
CA ASP B 72 -10.35 -14.92 -8.58
C ASP B 72 -11.07 -13.71 -8.00
N TYR B 73 -10.97 -12.56 -8.67
CA TYR B 73 -11.60 -11.34 -8.15
C TYR B 73 -12.50 -10.66 -9.15
N LYS B 74 -12.33 -11.01 -10.42
CA LYS B 74 -13.13 -10.39 -11.46
C LYS B 74 -13.83 -11.47 -12.29
N GLY B 75 -14.32 -11.11 -13.47
CA GLY B 75 -15.04 -12.07 -14.28
C GLY B 75 -16.20 -11.45 -15.03
N SER B 76 -16.96 -12.28 -15.71
CA SER B 76 -18.03 -11.78 -16.57
C SER B 76 -19.45 -12.17 -16.15
N VAL B 77 -19.62 -12.60 -14.90
CA VAL B 77 -20.95 -12.90 -14.39
C VAL B 77 -21.40 -11.66 -13.61
N PRO B 78 -22.54 -11.07 -13.99
CA PRO B 78 -23.02 -9.84 -13.36
C PRO B 78 -23.63 -10.03 -11.97
N TYR B 79 -22.87 -10.58 -11.03
CA TYR B 79 -23.37 -10.75 -9.68
C TYR B 79 -23.48 -9.39 -9.00
N HIS B 80 -24.32 -9.30 -7.97
CA HIS B 80 -24.50 -8.09 -7.17
C HIS B 80 -23.26 -7.84 -6.33
N LYS B 81 -22.54 -6.75 -6.61
CA LYS B 81 -21.24 -6.51 -6.02
C LYS B 81 -21.16 -6.41 -4.51
N ASN B 82 -22.30 -6.26 -3.84
CA ASN B 82 -22.30 -6.19 -2.38
C ASN B 82 -22.68 -7.52 -1.75
N ASP B 83 -23.05 -8.49 -2.57
CA ASP B 83 -23.54 -9.77 -2.07
C ASP B 83 -22.48 -10.84 -1.91
N ASN B 84 -22.03 -11.07 -0.68
CA ASN B 84 -21.09 -12.14 -0.40
C ASN B 84 -21.79 -13.25 0.38
N VAL B 85 -23.12 -13.30 0.29
CA VAL B 85 -23.87 -14.30 1.01
C VAL B 85 -24.37 -15.40 0.08
N ASN B 86 -24.98 -14.97 -1.01
CA ASN B 86 -25.50 -15.92 -1.95
C ASN B 86 -24.41 -16.33 -2.94
N PRO B 87 -24.47 -17.58 -3.38
CA PRO B 87 -23.52 -18.07 -4.38
C PRO B 87 -23.75 -17.43 -5.74
N LEU B 88 -22.82 -17.69 -6.66
CA LEU B 88 -22.94 -17.24 -8.02
C LEU B 88 -24.23 -17.83 -8.57
N PRO B 89 -24.91 -17.12 -9.47
CA PRO B 89 -24.49 -15.81 -9.95
C PRO B 89 -25.14 -14.64 -9.22
N LYS B 90 -25.76 -14.91 -8.08
CA LYS B 90 -26.37 -13.84 -7.32
C LYS B 90 -25.27 -13.06 -6.60
N GLY B 91 -24.43 -13.79 -5.87
CA GLY B 91 -23.34 -13.20 -5.13
C GLY B 91 -22.00 -13.81 -5.46
N PHE B 92 -20.98 -13.47 -4.66
CA PHE B 92 -19.61 -13.91 -4.90
C PHE B 92 -18.79 -13.84 -3.60
N LYS B 93 -17.79 -14.71 -3.45
CA LYS B 93 -16.97 -14.79 -2.25
C LYS B 93 -16.16 -13.52 -2.08
N HIS B 94 -15.92 -12.83 -3.18
CA HIS B 94 -15.14 -11.61 -3.09
C HIS B 94 -15.98 -10.37 -3.37
N ALA B 95 -17.19 -10.34 -2.82
CA ALA B 95 -18.03 -9.18 -2.92
C ALA B 95 -17.71 -8.21 -1.79
N GLN B 96 -18.23 -6.97 -1.89
CA GLN B 96 -17.98 -5.93 -0.91
C GLN B 96 -19.26 -5.69 -0.13
N PRO B 97 -19.35 -6.31 1.05
CA PRO B 97 -20.59 -6.32 1.83
C PRO B 97 -21.18 -4.96 2.15
N TYR B 98 -20.36 -3.95 2.36
CA TYR B 98 -20.90 -2.67 2.82
C TYR B 98 -21.34 -1.64 1.74
N LEU B 99 -21.25 -2.01 0.46
CA LEU B 99 -21.56 -1.05 -0.60
C LEU B 99 -22.88 -0.29 -0.49
N LYS B 100 -23.97 -1.01 -0.26
CA LYS B 100 -25.27 -0.33 -0.19
C LYS B 100 -25.27 0.72 0.90
N ASN B 101 -24.73 0.37 2.07
CA ASN B 101 -24.66 1.32 3.17
C ASN B 101 -23.89 2.57 2.77
N LEU B 102 -22.70 2.37 2.20
CA LEU B 102 -21.81 3.46 1.82
C LEU B 102 -22.39 4.40 0.75
N TRP B 103 -23.39 3.92 0.03
CA TRP B 103 -24.02 4.72 -1.02
C TRP B 103 -25.48 5.03 -0.66
N LEU B 104 -25.83 4.91 0.61
CA LEU B 104 -27.18 5.23 1.03
C LEU B 104 -27.59 6.62 0.51
N GLY B 105 -28.74 6.70 -0.15
CA GLY B 105 -29.24 7.95 -0.69
C GLY B 105 -28.86 8.22 -2.14
N TYR B 106 -28.13 7.30 -2.75
CA TYR B 106 -27.67 7.45 -4.14
C TYR B 106 -28.18 6.23 -4.88
N PRO B 107 -28.43 6.33 -6.18
CA PRO B 107 -28.95 5.16 -6.93
C PRO B 107 -28.11 3.88 -6.78
N PHE B 108 -26.81 3.99 -6.55
CA PHE B 108 -25.97 2.79 -6.37
C PHE B 108 -26.38 1.94 -5.16
N MET B 109 -27.29 2.43 -4.33
CA MET B 109 -27.72 1.63 -3.18
C MET B 109 -28.74 0.58 -3.66
N TYR B 110 -29.24 0.75 -4.88
CA TYR B 110 -30.25 -0.14 -5.45
C TYR B 110 -29.63 -1.32 -6.20
N GLU B 111 -28.68 -1.02 -7.06
CA GLU B 111 -28.06 -2.07 -7.82
C GLU B 111 -26.72 -1.64 -8.38
N TYR B 112 -25.79 -2.57 -8.34
CA TYR B 112 -24.45 -2.31 -8.84
C TYR B 112 -23.81 -3.67 -8.97
N ASN B 113 -23.54 -4.05 -10.22
CA ASN B 113 -23.05 -5.38 -10.53
C ASN B 113 -21.71 -5.47 -11.25
N GLU B 114 -21.12 -6.66 -11.18
CA GLU B 114 -19.90 -6.97 -11.90
C GLU B 114 -20.26 -6.83 -13.38
N THR B 115 -19.29 -6.47 -14.21
CA THR B 115 -19.58 -6.19 -15.62
C THR B 115 -19.45 -7.38 -16.54
N ARG B 116 -20.19 -7.27 -17.64
CA ARG B 116 -20.13 -8.23 -18.76
C ARG B 116 -19.41 -7.52 -19.91
N GLY B 117 -19.28 -8.20 -21.05
CA GLY B 117 -18.63 -7.65 -22.24
C GLY B 117 -19.41 -6.53 -22.90
N HIS B 118 -18.74 -5.76 -23.76
CA HIS B 118 -19.35 -4.60 -24.44
C HIS B 118 -20.67 -4.90 -25.16
N THR B 119 -20.82 -6.12 -25.66
CA THR B 119 -22.02 -6.49 -26.39
C THR B 119 -23.28 -6.43 -25.53
N TYR B 120 -23.13 -6.44 -24.21
CA TYR B 120 -24.30 -6.40 -23.33
C TYR B 120 -24.52 -5.04 -22.66
N ALA B 121 -23.69 -4.06 -23.00
CA ALA B 121 -23.78 -2.76 -22.34
C ALA B 121 -25.22 -2.25 -22.26
N ILE B 122 -25.92 -2.22 -23.38
CA ILE B 122 -27.29 -1.72 -23.36
C ILE B 122 -28.22 -2.64 -22.57
N ASP B 123 -28.10 -3.95 -22.77
CA ASP B 123 -28.91 -4.90 -22.00
C ASP B 123 -28.75 -4.61 -20.51
N ASP B 124 -27.51 -4.54 -20.04
CA ASP B 124 -27.26 -4.28 -18.63
C ASP B 124 -27.74 -2.89 -18.22
N PHE B 125 -27.50 -1.89 -19.08
CA PHE B 125 -27.98 -0.54 -18.85
C PHE B 125 -29.49 -0.54 -18.61
N LEU B 126 -30.20 -1.32 -19.40
CA LEU B 126 -31.65 -1.33 -19.31
C LEU B 126 -32.23 -2.26 -18.26
N ASN B 127 -31.37 -3.07 -17.62
CA ASN B 127 -31.85 -3.93 -16.55
C ASN B 127 -31.59 -3.31 -15.18
N ILE B 128 -30.67 -2.36 -15.14
CA ILE B 128 -30.26 -1.81 -13.86
C ILE B 128 -31.36 -1.04 -13.13
N ASP B 129 -31.49 -1.32 -11.83
CA ASP B 129 -32.49 -0.66 -11.00
C ASP B 129 -32.11 0.80 -10.66
N ARG B 130 -30.87 1.19 -10.93
CA ARG B 130 -30.43 2.56 -10.69
C ARG B 130 -31.24 3.58 -11.48
N ILE B 131 -31.61 3.20 -12.71
CA ILE B 131 -32.50 4.03 -13.50
C ILE B 131 -33.94 3.77 -13.05
N ASN B 132 -34.69 4.81 -12.72
CA ASN B 132 -36.06 4.65 -12.28
C ASN B 132 -36.92 4.00 -13.33
N ARG B 133 -37.62 2.94 -12.93
CA ARG B 133 -38.54 2.26 -13.84
C ARG B 133 -39.97 2.28 -13.29
N PHE B 134 -40.19 3.02 -12.21
CA PHE B 134 -41.49 3.03 -11.49
C PHE B 134 -42.23 4.36 -11.50
N ALA B 135 -41.78 5.31 -12.30
CA ALA B 135 -42.43 6.61 -12.36
C ALA B 135 -43.56 6.63 -13.39
N ALA B 136 -44.68 7.23 -13.01
CA ALA B 136 -45.83 7.31 -13.91
C ALA B 136 -45.47 7.97 -15.22
N ASP B 137 -44.81 9.13 -15.15
CA ASP B 137 -44.39 9.82 -16.38
C ASP B 137 -43.33 9.00 -17.12
N GLY B 138 -42.82 7.94 -16.48
CA GLY B 138 -41.85 7.05 -17.09
C GLY B 138 -40.42 7.57 -17.14
N LYS B 139 -40.15 8.60 -16.36
CA LYS B 139 -38.82 9.19 -16.32
C LYS B 139 -37.87 8.31 -15.53
N GLY B 140 -36.61 8.29 -15.93
CA GLY B 140 -35.62 7.49 -15.23
C GLY B 140 -34.99 8.25 -14.07
N ASN B 141 -35.20 9.57 -14.05
CA ASN B 141 -34.63 10.44 -13.03
C ASN B 141 -33.11 10.53 -13.11
N LEU B 142 -32.58 10.18 -14.26
CA LEU B 142 -31.15 10.31 -14.53
C LEU B 142 -31.03 10.95 -15.89
N PRO B 143 -29.95 11.70 -16.09
CA PRO B 143 -29.72 12.40 -17.36
C PRO B 143 -29.41 11.47 -18.53
N ALA B 144 -29.73 11.94 -19.73
CA ALA B 144 -29.44 11.19 -20.95
C ALA B 144 -27.94 10.99 -21.09
N THR B 145 -27.17 11.78 -20.36
CA THR B 145 -25.73 11.62 -20.36
C THR B 145 -25.37 10.19 -19.98
N CYS B 146 -26.27 9.50 -19.30
CA CYS B 146 -26.00 8.13 -18.93
C CYS B 146 -25.80 7.23 -20.15
N TRP B 147 -26.20 7.69 -21.33
CA TRP B 147 -26.03 6.93 -22.56
C TRP B 147 -24.64 7.15 -23.15
N ASN B 148 -23.95 8.17 -22.63
CA ASN B 148 -22.70 8.62 -23.21
C ASN B 148 -21.65 7.56 -23.53
N CYS B 149 -21.51 6.60 -22.63
CA CYS B 149 -20.50 5.58 -22.77
C CYS B 149 -21.14 4.20 -23.04
N LYS B 150 -22.29 4.20 -23.71
CA LYS B 150 -23.03 2.94 -23.93
C LYS B 150 -23.37 2.63 -25.39
N THR B 151 -23.19 3.59 -26.28
CA THR B 151 -23.60 3.42 -27.66
C THR B 151 -23.01 4.45 -28.62
N PRO B 152 -22.75 4.02 -29.85
CA PRO B 152 -22.27 4.91 -30.90
C PRO B 152 -23.35 5.92 -31.30
N LYS B 153 -24.61 5.61 -31.01
CA LYS B 153 -25.73 6.50 -31.32
C LYS B 153 -25.49 7.88 -30.76
N MET B 154 -24.60 7.96 -29.78
CA MET B 154 -24.27 9.24 -29.18
C MET B 154 -23.96 10.30 -30.24
N MET B 155 -23.23 9.90 -31.28
CA MET B 155 -22.83 10.85 -32.32
C MET B 155 -24.06 11.50 -32.94
N GLU B 156 -25.02 10.68 -33.34
CA GLU B 156 -26.25 11.19 -33.94
C GLU B 156 -27.10 11.98 -32.94
N TRP B 157 -27.17 11.53 -31.70
CA TRP B 157 -27.97 12.25 -30.72
C TRP B 157 -27.35 13.62 -30.42
N VAL B 158 -26.03 13.68 -30.33
CA VAL B 158 -25.39 14.97 -30.08
C VAL B 158 -25.53 15.88 -31.32
N SER B 159 -25.52 15.28 -32.49
CA SER B 159 -25.72 16.07 -33.71
C SER B 159 -27.11 16.66 -33.73
N GLN B 160 -28.10 15.87 -33.34
CA GLN B 160 -29.48 16.34 -33.40
C GLN B 160 -29.85 17.30 -32.30
N TYR B 161 -29.41 17.02 -31.08
CA TYR B 161 -29.85 17.82 -29.94
C TYR B 161 -28.84 18.82 -29.40
N GLY B 162 -27.58 18.66 -29.77
CA GLY B 162 -26.53 19.52 -29.26
C GLY B 162 -26.45 19.50 -27.74
N ASP B 163 -25.99 20.63 -27.17
CA ASP B 163 -25.87 20.87 -25.73
C ASP B 163 -27.11 20.46 -24.92
N LYS B 164 -28.24 20.31 -25.58
CA LYS B 164 -29.48 20.02 -24.87
C LYS B 164 -29.78 18.54 -24.68
N PHE B 165 -29.02 17.69 -25.36
CA PHE B 165 -29.20 16.26 -25.21
C PHE B 165 -28.96 15.80 -23.77
N TRP B 166 -27.88 16.31 -23.18
CA TRP B 166 -27.41 15.85 -21.87
C TRP B 166 -28.46 15.75 -20.77
N SER B 167 -29.18 16.85 -20.53
CA SER B 167 -30.16 16.91 -19.45
C SER B 167 -31.54 16.36 -19.77
N MET B 168 -31.75 15.90 -21.01
CA MET B 168 -33.00 15.21 -21.29
C MET B 168 -33.01 13.98 -20.39
N ASP B 169 -34.18 13.40 -20.16
CA ASP B 169 -34.24 12.24 -19.27
C ASP B 169 -33.70 11.01 -19.99
N VAL B 170 -32.95 10.20 -19.25
CA VAL B 170 -32.36 8.98 -19.79
C VAL B 170 -33.36 8.12 -20.55
N ASN B 171 -34.59 8.00 -20.04
CA ASN B 171 -35.59 7.14 -20.64
C ASN B 171 -36.26 7.68 -21.92
N GLU B 172 -35.88 8.88 -22.33
CA GLU B 172 -36.41 9.44 -23.57
C GLU B 172 -35.76 8.79 -24.79
N PHE B 173 -34.78 7.91 -24.57
CA PHE B 173 -34.08 7.25 -25.66
C PHE B 173 -34.04 5.74 -25.46
N ARG B 174 -34.98 5.23 -24.68
CA ARG B 174 -34.98 3.85 -24.24
C ARG B 174 -35.79 2.88 -25.09
N ALA B 175 -36.87 3.37 -25.68
CA ALA B 175 -37.74 2.52 -26.52
C ALA B 175 -37.06 1.92 -27.74
N LYS B 176 -37.55 0.77 -28.17
CA LYS B 176 -37.01 0.05 -29.32
C LYS B 176 -36.88 0.89 -30.60
N ASP B 177 -37.71 1.92 -30.75
CA ASP B 177 -37.60 2.77 -31.93
C ASP B 177 -36.54 3.84 -31.78
N LYS B 178 -35.92 3.89 -30.60
CA LYS B 178 -34.85 4.84 -30.34
C LYS B 178 -33.47 4.21 -30.46
N ILE B 179 -33.36 2.96 -30.04
CA ILE B 179 -32.07 2.29 -30.00
C ILE B 179 -32.25 0.79 -30.11
N ASN B 180 -31.36 0.15 -30.86
CA ASN B 180 -31.32 -1.30 -30.99
C ASN B 180 -30.31 -1.81 -29.97
N ALA B 181 -30.80 -2.45 -28.92
CA ALA B 181 -29.95 -2.90 -27.82
C ALA B 181 -28.82 -3.83 -28.25
N HIS B 182 -29.10 -4.63 -29.27
CA HIS B 182 -28.19 -5.65 -29.74
C HIS B 182 -27.14 -5.10 -30.69
N ASP B 183 -27.60 -4.34 -31.68
CA ASP B 183 -26.77 -3.89 -32.77
C ASP B 183 -26.13 -2.53 -32.52
N GLU B 184 -26.77 -1.69 -31.71
CA GLU B 184 -26.23 -0.36 -31.46
C GLU B 184 -25.60 -0.18 -30.09
N THR B 185 -25.30 -1.30 -29.42
CA THR B 185 -24.53 -1.21 -28.19
C THR B 185 -23.10 -0.89 -28.59
N ILE B 186 -22.23 -0.70 -27.60
CA ILE B 186 -20.83 -0.37 -27.84
C ILE B 186 -20.26 -1.22 -28.98
N GLY B 187 -19.77 -0.56 -30.03
CA GLY B 187 -19.27 -1.26 -31.19
C GLY B 187 -18.11 -0.63 -31.92
N CYS B 188 -17.92 -1.05 -33.16
CA CYS B 188 -16.82 -0.60 -34.00
C CYS B 188 -16.74 0.91 -34.16
N ALA B 189 -17.87 1.57 -34.35
CA ALA B 189 -17.84 3.01 -34.55
C ALA B 189 -17.41 3.80 -33.31
N ASN B 190 -17.40 3.17 -32.15
CA ASN B 190 -16.91 3.84 -30.94
C ASN B 190 -15.38 4.03 -30.93
N CYS B 191 -14.66 3.23 -31.72
CA CYS B 191 -13.20 3.30 -31.68
C CYS B 191 -12.60 3.44 -33.08
N HIS B 192 -13.42 3.24 -34.10
CA HIS B 192 -12.95 3.26 -35.47
C HIS B 192 -13.67 4.26 -36.38
N ASP B 193 -12.91 4.91 -37.25
CA ASP B 193 -13.51 5.69 -38.32
C ASP B 193 -13.95 4.62 -39.28
N PRO B 194 -15.24 4.48 -39.48
CA PRO B 194 -15.76 3.43 -40.36
C PRO B 194 -15.13 3.41 -41.76
N ALA B 195 -14.86 4.58 -42.34
CA ALA B 195 -14.33 4.63 -43.71
C ALA B 195 -12.93 4.06 -43.86
N THR B 196 -12.04 4.42 -42.95
CA THR B 196 -10.65 3.98 -43.03
C THR B 196 -10.30 2.93 -42.00
N MET B 197 -11.15 2.81 -40.98
CA MET B 197 -10.89 1.91 -39.86
C MET B 197 -9.78 2.43 -38.95
N GLU B 198 -9.28 3.63 -39.23
CA GLU B 198 -8.29 4.23 -38.36
C GLU B 198 -8.92 4.46 -36.98
N LEU B 199 -8.09 4.47 -35.94
CA LEU B 199 -8.60 4.70 -34.60
C LEU B 199 -9.21 6.09 -34.53
N ARG B 200 -10.38 6.21 -33.93
CA ARG B 200 -11.06 7.50 -33.83
C ARG B 200 -11.82 7.65 -32.52
N LEU B 201 -11.83 8.87 -31.98
CA LEU B 201 -12.60 9.19 -30.79
C LEU B 201 -13.99 9.70 -31.16
N TYR B 202 -15.03 9.09 -30.56
CA TYR B 202 -16.40 9.54 -30.74
C TYR B 202 -16.75 10.43 -29.54
N SER B 203 -15.93 10.34 -28.50
CA SER B 203 -16.23 10.93 -27.20
C SER B 203 -16.09 12.44 -27.04
N GLU B 204 -17.18 13.10 -26.71
CA GLU B 204 -17.16 14.55 -26.46
C GLU B 204 -16.33 14.93 -25.23
N PRO B 205 -16.54 14.28 -24.09
CA PRO B 205 -15.78 14.62 -22.87
C PRO B 205 -14.27 14.36 -23.03
N LEU B 206 -13.84 13.28 -23.70
CA LEU B 206 -12.41 13.05 -23.89
C LEU B 206 -11.84 14.10 -24.87
N LYS B 207 -12.63 14.45 -25.88
CA LYS B 207 -12.19 15.46 -26.84
C LYS B 207 -12.09 16.81 -26.16
N ASP B 208 -13.03 17.08 -25.25
CA ASP B 208 -13.02 18.30 -24.45
C ASP B 208 -11.70 18.36 -23.71
N TRP B 209 -11.32 17.25 -23.06
CA TRP B 209 -10.09 17.18 -22.30
C TRP B 209 -8.84 17.40 -23.15
N LEU B 210 -8.76 16.76 -24.32
CA LEU B 210 -7.61 16.92 -25.19
C LEU B 210 -7.51 18.37 -25.63
N LYS B 211 -8.66 18.96 -25.91
CA LYS B 211 -8.73 20.36 -26.29
C LYS B 211 -8.24 21.24 -25.13
N ARG B 212 -8.82 21.06 -23.93
CA ARG B 212 -8.41 21.80 -22.72
C ARG B 212 -6.92 21.71 -22.44
N SER B 213 -6.37 20.51 -22.60
CA SER B 213 -4.98 20.26 -22.22
C SER B 213 -4.00 20.50 -23.36
N GLY B 214 -4.51 20.98 -24.49
CA GLY B 214 -3.66 21.30 -25.62
C GLY B 214 -3.09 20.11 -26.35
N LYS B 215 -3.78 18.97 -26.27
CA LYS B 215 -3.33 17.79 -26.99
C LYS B 215 -4.04 17.68 -28.34
N ASP B 216 -3.55 16.81 -29.20
CA ASP B 216 -4.08 16.74 -30.57
C ASP B 216 -4.01 15.32 -31.12
N TRP B 217 -5.18 14.74 -31.37
CA TRP B 217 -5.31 13.37 -31.86
C TRP B 217 -4.36 13.06 -33.02
N GLN B 218 -4.37 13.91 -34.03
CA GLN B 218 -3.57 13.72 -35.24
C GLN B 218 -2.07 13.65 -35.00
N LYS B 219 -1.61 14.26 -33.92
CA LYS B 219 -0.18 14.26 -33.63
C LYS B 219 0.20 13.18 -32.62
N MET B 220 -0.78 12.39 -32.21
CA MET B 220 -0.53 11.34 -31.23
C MET B 220 -0.06 10.02 -31.81
N SER B 221 0.78 9.33 -31.05
CA SER B 221 1.28 8.03 -31.45
C SER B 221 0.17 6.96 -31.46
N ARG B 222 0.38 5.95 -32.30
CA ARG B 222 -0.50 4.79 -32.40
C ARG B 222 -0.58 4.23 -30.99
N ASN B 223 0.57 4.17 -30.34
CA ASN B 223 0.65 3.67 -28.98
C ASN B 223 -0.29 4.41 -28.05
N GLU B 224 -0.20 5.73 -28.00
CA GLU B 224 -1.09 6.50 -27.13
C GLU B 224 -2.57 6.28 -27.48
N LYS B 225 -2.88 6.16 -28.76
CA LYS B 225 -4.25 5.93 -29.18
C LYS B 225 -4.78 4.56 -28.74
N ARG B 226 -3.88 3.61 -28.58
CA ARG B 226 -4.26 2.26 -28.15
C ARG B 226 -4.68 2.26 -26.68
N THR B 227 -4.48 3.40 -26.01
CA THR B 227 -4.99 3.58 -24.67
C THR B 227 -6.20 4.52 -24.65
N LEU B 228 -6.08 5.62 -25.38
CA LEU B 228 -7.12 6.65 -25.39
C LEU B 228 -8.51 6.17 -25.80
N VAL B 229 -8.60 5.21 -26.72
CA VAL B 229 -9.91 4.70 -27.11
C VAL B 229 -10.64 4.12 -25.90
N CYS B 230 -9.92 3.54 -24.96
CA CYS B 230 -10.55 3.02 -23.75
C CYS B 230 -10.80 4.16 -22.81
N ALA B 231 -9.90 5.12 -22.79
CA ALA B 231 -10.06 6.27 -21.91
C ALA B 231 -11.28 7.12 -22.25
N GLN B 232 -11.97 6.78 -23.33
CA GLN B 232 -13.19 7.53 -23.63
C GLN B 232 -14.29 7.15 -22.64
N CYS B 233 -14.16 5.98 -22.01
CA CYS B 233 -15.24 5.49 -21.17
C CYS B 233 -14.79 4.97 -19.81
N HIS B 234 -13.63 4.34 -19.77
CA HIS B 234 -13.14 3.74 -18.54
C HIS B 234 -12.40 4.74 -17.66
N VAL B 235 -13.14 5.74 -17.19
CA VAL B 235 -12.57 6.84 -16.41
C VAL B 235 -13.59 7.34 -15.42
N GLU B 236 -13.13 8.17 -14.49
CA GLU B 236 -14.01 8.84 -13.55
C GLU B 236 -14.54 10.08 -14.26
N TYR B 237 -15.78 10.45 -13.96
CA TYR B 237 -16.42 11.57 -14.63
C TYR B 237 -17.43 12.18 -13.69
N TYR B 238 -18.05 13.29 -14.12
CA TYR B 238 -19.15 13.90 -13.38
C TYR B 238 -20.07 14.68 -14.31
N PHE B 239 -21.23 15.08 -13.81
CA PHE B 239 -22.21 15.76 -14.63
C PHE B 239 -22.16 17.25 -14.32
N THR B 240 -22.00 18.07 -15.35
CA THR B 240 -21.95 19.53 -15.17
C THR B 240 -23.16 20.09 -14.44
N HIS B 241 -22.91 20.94 -13.46
CA HIS B 241 -24.02 21.60 -12.78
C HIS B 241 -24.47 22.77 -13.66
N LYS B 242 -25.78 23.04 -13.69
CA LYS B 242 -26.30 24.05 -14.60
C LYS B 242 -25.77 25.47 -14.40
N ASP B 243 -25.25 25.78 -13.22
CA ASP B 243 -24.69 27.08 -13.02
C ASP B 243 -23.40 27.28 -13.81
N ASN B 244 -22.73 26.19 -14.20
CA ASN B 244 -21.41 26.30 -14.79
C ASN B 244 -21.27 25.92 -16.26
N GLY B 245 -22.36 25.43 -16.86
CA GLY B 245 -22.30 25.03 -18.25
C GLY B 245 -23.59 24.31 -18.61
N PRO B 246 -23.65 23.75 -19.81
CA PRO B 246 -24.85 23.02 -20.22
C PRO B 246 -25.09 21.90 -19.22
N ALA B 247 -26.29 21.90 -18.64
CA ALA B 247 -26.65 20.92 -17.63
C ALA B 247 -26.35 19.47 -18.00
N ALA B 248 -25.66 18.78 -17.10
CA ALA B 248 -25.38 17.35 -17.26
C ALA B 248 -24.31 16.99 -18.29
N LYS B 249 -23.71 17.98 -18.94
CA LYS B 249 -22.63 17.69 -19.88
C LYS B 249 -21.53 17.00 -19.07
N PRO B 250 -21.08 15.84 -19.55
CA PRO B 250 -20.06 15.04 -18.86
C PRO B 250 -18.69 15.68 -18.89
N VAL B 251 -17.98 15.61 -17.77
CA VAL B 251 -16.63 16.15 -17.67
C VAL B 251 -15.74 15.13 -16.96
N PHE B 252 -14.50 15.03 -17.42
CA PHE B 252 -13.51 14.17 -16.79
C PHE B 252 -12.70 15.11 -15.91
N PRO B 253 -12.73 14.93 -14.60
CA PRO B 253 -12.15 15.92 -13.66
C PRO B 253 -10.64 15.80 -13.53
N TRP B 254 -9.94 16.07 -14.62
CA TRP B 254 -8.51 15.81 -14.66
C TRP B 254 -7.59 17.03 -14.56
N ASP B 255 -8.16 18.22 -14.44
CA ASP B 255 -7.35 19.45 -14.46
C ASP B 255 -6.30 19.58 -13.35
N ASN B 256 -6.52 18.94 -12.22
CA ASN B 256 -5.56 18.99 -11.12
C ASN B 256 -4.61 17.79 -11.11
N GLY B 257 -4.75 16.88 -12.08
CA GLY B 257 -3.99 15.65 -12.09
C GLY B 257 -4.93 14.42 -12.00
N PHE B 258 -4.35 13.22 -12.09
CA PHE B 258 -5.20 12.02 -12.12
C PHE B 258 -5.33 11.29 -10.80
N ASN B 259 -4.62 11.73 -9.77
CA ASN B 259 -4.64 11.01 -8.50
C ASN B 259 -5.83 11.38 -7.62
N PRO B 260 -6.17 10.50 -6.69
CA PRO B 260 -7.28 10.73 -5.77
C PRO B 260 -7.20 12.10 -5.08
N GLU B 261 -6.02 12.47 -4.62
CA GLU B 261 -5.85 13.76 -3.96
C GLU B 261 -6.18 14.85 -4.98
N ASP B 262 -5.73 14.68 -6.20
CA ASP B 262 -5.99 15.70 -7.22
C ASP B 262 -7.48 15.89 -7.42
N MET B 263 -8.19 14.78 -7.57
CA MET B 263 -9.63 14.82 -7.78
C MET B 263 -10.33 15.43 -6.59
N TYR B 264 -9.86 15.08 -5.39
CA TYR B 264 -10.44 15.64 -4.19
C TYR B 264 -10.29 17.17 -4.21
N GLN B 265 -9.11 17.67 -4.56
CA GLN B 265 -8.88 19.11 -4.64
C GLN B 265 -9.73 19.73 -5.75
N TYR B 266 -9.78 19.03 -6.88
CA TYR B 266 -10.58 19.48 -8.02
C TYR B 266 -12.01 19.73 -7.58
N TYR B 267 -12.57 18.76 -6.86
CA TYR B 267 -13.97 18.84 -6.43
C TYR B 267 -14.26 19.84 -5.32
N LYS B 268 -13.29 20.66 -4.94
CA LYS B 268 -13.59 21.76 -4.00
C LYS B 268 -14.31 22.87 -4.78
N GLY B 269 -14.25 22.78 -6.11
CA GLY B 269 -14.97 23.69 -6.97
C GLY B 269 -15.96 22.96 -7.86
N HIS B 270 -16.44 23.66 -8.89
CA HIS B 270 -17.34 23.11 -9.91
C HIS B 270 -18.75 22.71 -9.46
N GLY B 271 -19.11 23.06 -8.24
CA GLY B 271 -20.44 22.80 -7.73
C GLY B 271 -21.35 24.01 -7.98
N ALA B 272 -22.48 24.04 -7.27
CA ALA B 272 -23.44 25.15 -7.40
C ALA B 272 -22.86 26.48 -6.91
N LYS B 273 -23.23 27.55 -7.58
CA LYS B 273 -22.76 28.87 -7.21
C LYS B 273 -23.50 29.35 -5.94
N GLY B 274 -22.81 30.07 -5.05
CA GLY B 274 -23.43 30.64 -3.85
C GLY B 274 -24.15 31.94 -4.20
N PRO B 275 -25.08 32.43 -3.38
CA PRO B 275 -25.80 33.68 -3.72
C PRO B 275 -24.81 34.68 -4.33
N ASP B 276 -23.54 34.49 -4.02
CA ASP B 276 -22.41 35.29 -4.47
C ASP B 276 -21.70 34.82 -5.76
N GLY B 277 -22.32 33.91 -6.52
CA GLY B 277 -21.75 33.49 -7.80
C GLY B 277 -20.54 32.53 -7.87
N LYS B 278 -19.83 32.32 -6.77
CA LYS B 278 -18.70 31.40 -6.82
C LYS B 278 -19.13 29.94 -6.72
N PRO B 279 -18.67 29.10 -7.65
CA PRO B 279 -19.03 27.68 -7.60
C PRO B 279 -18.53 27.06 -6.30
N GLY B 280 -19.41 26.38 -5.58
CA GLY B 280 -19.01 25.74 -4.34
C GLY B 280 -18.42 24.38 -4.65
N PRO B 281 -18.21 23.57 -3.62
CA PRO B 281 -17.68 22.22 -3.80
C PRO B 281 -18.70 21.35 -4.52
N PHE B 282 -18.23 20.47 -5.40
CA PHE B 282 -19.16 19.60 -6.12
C PHE B 282 -19.74 18.56 -5.18
N VAL B 283 -20.98 18.17 -5.42
CA VAL B 283 -21.65 17.18 -4.60
C VAL B 283 -22.44 16.21 -5.47
N ASP B 284 -22.11 14.92 -5.43
CA ASP B 284 -22.91 13.93 -6.17
C ASP B 284 -24.21 13.59 -5.43
N TRP B 285 -24.14 13.49 -4.11
CA TRP B 285 -25.33 13.27 -3.30
C TRP B 285 -24.97 13.48 -1.84
N VAL B 286 -25.99 13.67 -1.01
CA VAL B 286 -25.81 13.87 0.40
C VAL B 286 -26.11 12.55 1.08
N HIS B 287 -25.12 11.97 1.77
CA HIS B 287 -25.35 10.65 2.39
C HIS B 287 -26.58 10.66 3.29
N ALA B 288 -27.48 9.72 3.06
CA ALA B 288 -28.72 9.66 3.83
C ALA B 288 -28.58 9.39 5.34
N ALA B 289 -27.42 8.90 5.77
CA ALA B 289 -27.20 8.65 7.19
C ALA B 289 -26.40 9.77 7.85
N SER B 290 -25.21 10.02 7.32
CA SER B 290 -24.33 11.04 7.89
C SER B 290 -24.65 12.43 7.37
N LYS B 291 -25.40 12.51 6.28
CA LYS B 291 -25.74 13.79 5.64
C LYS B 291 -24.51 14.53 5.14
N VAL B 292 -23.42 13.80 4.87
CA VAL B 292 -22.20 14.38 4.32
C VAL B 292 -22.33 14.53 2.80
N PRO B 293 -21.91 15.66 2.25
CA PRO B 293 -21.92 15.85 0.78
C PRO B 293 -20.83 14.97 0.15
N MET B 294 -21.22 13.98 -0.65
CA MET B 294 -20.26 13.01 -1.15
C MET B 294 -19.87 13.17 -2.60
N ILE B 295 -18.71 12.59 -2.92
CA ILE B 295 -18.28 12.47 -4.30
C ILE B 295 -18.35 10.99 -4.64
N LYS B 296 -18.94 10.66 -5.80
CA LYS B 296 -18.95 9.28 -6.26
C LYS B 296 -17.84 9.09 -7.28
N MET B 297 -17.03 8.05 -7.10
CA MET B 297 -16.00 7.71 -8.08
C MET B 297 -16.56 6.61 -8.99
N GLN B 298 -16.25 6.68 -10.29
CA GLN B 298 -16.63 5.63 -11.22
C GLN B 298 -15.42 5.18 -12.02
N HIS B 299 -15.28 3.86 -12.15
CA HIS B 299 -14.25 3.20 -12.95
C HIS B 299 -13.07 4.02 -13.47
N PRO B 300 -12.15 4.46 -12.60
CA PRO B 300 -11.01 5.26 -13.04
C PRO B 300 -9.86 4.41 -13.60
N GLU B 301 -10.15 3.51 -14.53
CA GLU B 301 -9.08 2.68 -15.08
C GLU B 301 -7.93 3.47 -15.65
N TYR B 302 -8.23 4.46 -16.49
CA TYR B 302 -7.17 5.24 -17.12
C TYR B 302 -6.33 6.00 -16.11
N GLU B 303 -6.99 6.70 -15.20
CA GLU B 303 -6.29 7.55 -14.23
C GLU B 303 -5.40 6.73 -13.31
N THR B 304 -5.86 5.51 -13.03
CA THR B 304 -5.17 4.62 -12.14
C THR B 304 -3.97 4.01 -12.83
N PHE B 305 -4.20 3.47 -14.02
CA PHE B 305 -3.17 2.80 -14.79
C PHE B 305 -2.08 3.70 -15.40
N GLN B 306 -2.40 4.95 -15.77
CA GLN B 306 -1.41 5.77 -16.52
C GLN B 306 -0.10 6.05 -15.81
N ASP B 307 -0.09 6.04 -14.48
CA ASP B 307 1.16 6.26 -13.77
C ASP B 307 1.56 5.00 -12.98
N GLY B 308 1.05 3.85 -13.42
CA GLY B 308 1.41 2.57 -12.84
C GLY B 308 2.62 1.99 -13.56
N PRO B 309 3.11 0.86 -13.05
CA PRO B 309 4.29 0.22 -13.63
C PRO B 309 4.20 -0.03 -15.14
N HIS B 310 3.01 -0.38 -15.64
CA HIS B 310 2.84 -0.57 -17.08
C HIS B 310 2.53 0.72 -17.82
N GLY B 311 1.57 1.48 -17.33
CA GLY B 311 1.21 2.74 -17.96
C GLY B 311 2.37 3.72 -18.06
N ALA B 312 3.11 3.90 -16.97
CA ALA B 312 4.25 4.81 -16.99
C ALA B 312 5.33 4.38 -18.00
N ALA B 313 5.35 3.10 -18.35
CA ALA B 313 6.38 2.60 -19.26
C ALA B 313 5.97 2.65 -20.73
N GLY B 314 4.80 3.20 -21.00
CA GLY B 314 4.30 3.29 -22.36
C GLY B 314 3.52 2.07 -22.80
N VAL B 315 3.13 1.24 -21.85
CA VAL B 315 2.33 0.07 -22.19
C VAL B 315 0.87 0.53 -22.30
N SER B 316 0.14 0.00 -23.28
CA SER B 316 -1.24 0.44 -23.51
C SER B 316 -2.28 -0.58 -23.06
N CYS B 317 -3.51 -0.12 -22.85
CA CYS B 317 -4.59 -1.04 -22.50
C CYS B 317 -4.63 -2.17 -23.51
N ALA B 318 -4.51 -1.81 -24.79
CA ALA B 318 -4.61 -2.80 -25.86
C ALA B 318 -3.53 -3.88 -25.80
N ASP B 319 -2.34 -3.52 -25.30
CA ASP B 319 -1.25 -4.50 -25.18
C ASP B 319 -1.70 -5.70 -24.34
N CYS B 320 -2.47 -5.46 -23.29
CA CYS B 320 -2.88 -6.58 -22.44
C CYS B 320 -4.28 -7.08 -22.76
N HIS B 321 -5.15 -6.18 -23.20
CA HIS B 321 -6.53 -6.55 -23.37
C HIS B 321 -6.90 -6.85 -24.81
N MET B 322 -6.00 -6.52 -25.74
CA MET B 322 -6.28 -6.80 -27.15
C MET B 322 -5.04 -7.41 -27.82
N GLN B 323 -4.55 -8.50 -27.24
CA GLN B 323 -3.37 -9.22 -27.70
C GLN B 323 -3.47 -9.62 -29.17
N TYR B 324 -2.34 -9.68 -29.87
CA TYR B 324 -2.35 -10.21 -31.22
C TYR B 324 -2.58 -11.70 -31.14
N VAL B 325 -3.49 -12.21 -31.96
CA VAL B 325 -3.83 -13.62 -31.94
C VAL B 325 -3.85 -14.13 -33.35
N ARG B 326 -3.61 -15.41 -33.51
CA ARG B 326 -3.63 -15.99 -34.85
C ARG B 326 -4.86 -16.85 -35.07
N GLU B 327 -5.74 -16.36 -35.93
CA GLU B 327 -7.01 -17.01 -36.18
C GLU B 327 -7.33 -17.03 -37.66
N ASP B 328 -7.53 -18.24 -38.18
CA ASP B 328 -7.93 -18.48 -39.58
C ASP B 328 -7.05 -17.80 -40.62
N GLY B 329 -5.82 -18.30 -40.74
CA GLY B 329 -4.88 -17.78 -41.73
C GLY B 329 -4.09 -16.53 -41.35
N LYS B 330 -4.32 -15.93 -40.17
CA LYS B 330 -3.58 -14.72 -39.85
C LYS B 330 -3.70 -14.04 -38.48
N LYS B 331 -2.85 -13.02 -38.31
CA LYS B 331 -2.67 -12.24 -37.09
C LYS B 331 -3.59 -11.01 -36.89
N ILE B 332 -4.57 -11.13 -36.02
CA ILE B 332 -5.50 -10.02 -35.78
C ILE B 332 -5.38 -9.44 -34.38
N SER B 333 -5.91 -8.24 -34.17
CA SER B 333 -5.99 -7.74 -32.81
C SER B 333 -7.21 -8.42 -32.23
N SER B 334 -7.02 -9.19 -31.17
CA SER B 334 -8.14 -9.86 -30.54
C SER B 334 -9.09 -8.77 -30.05
N HIS B 335 -10.38 -8.90 -30.33
CA HIS B 335 -11.33 -7.90 -29.88
C HIS B 335 -12.15 -8.43 -28.72
N TRP B 336 -11.63 -9.45 -28.06
CA TRP B 336 -12.28 -9.99 -26.88
C TRP B 336 -11.77 -9.18 -25.70
N MET B 337 -12.55 -8.19 -25.26
CA MET B 337 -12.11 -7.30 -24.19
C MET B 337 -12.67 -7.78 -22.84
N THR B 338 -11.81 -8.43 -22.08
CA THR B 338 -12.26 -9.15 -20.89
C THR B 338 -11.08 -9.32 -19.95
N SER B 339 -11.22 -10.18 -18.96
CA SER B 339 -10.12 -10.38 -18.04
C SER B 339 -9.02 -11.22 -18.65
N PRO B 340 -7.79 -10.72 -18.63
CA PRO B 340 -6.65 -11.49 -19.11
C PRO B 340 -6.43 -12.70 -18.21
N MET B 341 -6.99 -12.69 -17.01
CA MET B 341 -6.79 -13.83 -16.11
C MET B 341 -7.61 -15.06 -16.52
N LYS B 342 -8.42 -14.95 -17.57
CA LYS B 342 -9.21 -16.11 -18.00
C LYS B 342 -8.31 -17.15 -18.67
N ASP B 343 -7.17 -16.71 -19.20
CA ASP B 343 -6.23 -17.56 -19.92
C ASP B 343 -5.13 -18.11 -19.02
N PRO B 344 -5.16 -19.42 -18.79
CA PRO B 344 -4.19 -20.06 -17.89
C PRO B 344 -2.75 -19.83 -18.33
N GLU B 345 -2.54 -19.65 -19.63
CA GLU B 345 -1.21 -19.43 -20.18
C GLU B 345 -0.82 -17.96 -20.25
N MET B 346 -1.77 -17.06 -19.96
CA MET B 346 -1.50 -15.63 -20.00
C MET B 346 -0.75 -15.19 -21.27
N ARG B 347 -1.20 -15.67 -22.43
CA ARG B 347 -0.56 -15.34 -23.70
C ARG B 347 -0.43 -13.85 -23.94
N ALA B 348 -1.44 -13.09 -23.53
CA ALA B 348 -1.44 -11.66 -23.72
C ALA B 348 -0.33 -10.95 -22.96
N CYS B 349 0.35 -11.66 -22.07
CA CYS B 349 1.41 -11.06 -21.28
C CYS B 349 2.76 -11.50 -21.79
N ARG B 350 2.80 -12.66 -22.43
CA ARG B 350 4.07 -13.27 -22.80
C ARG B 350 4.73 -12.76 -24.06
N GLN B 351 4.15 -11.74 -24.68
CA GLN B 351 4.81 -11.12 -25.82
C GLN B 351 5.81 -10.13 -25.27
N CYS B 352 5.69 -9.82 -23.98
CA CYS B 352 6.62 -8.93 -23.28
C CYS B 352 7.35 -9.73 -22.18
N HIS B 353 6.64 -10.64 -21.53
CA HIS B 353 7.23 -11.45 -20.48
C HIS B 353 7.42 -12.87 -20.98
N ALA B 354 8.23 -13.02 -22.02
CA ALA B 354 8.46 -14.31 -22.68
C ALA B 354 9.08 -15.39 -21.78
N ASP B 355 9.86 -14.98 -20.79
CA ASP B 355 10.54 -15.95 -19.92
C ASP B 355 9.71 -16.42 -18.73
N LYS B 356 8.45 -16.03 -18.68
CA LYS B 356 7.62 -16.37 -17.53
C LYS B 356 6.49 -17.30 -17.92
N THR B 357 6.16 -18.22 -17.03
CA THR B 357 5.05 -19.11 -17.25
C THR B 357 3.77 -18.36 -16.92
N GLY B 358 2.65 -18.83 -17.44
CA GLY B 358 1.36 -18.26 -17.10
C GLY B 358 1.09 -18.29 -15.60
N GLU B 359 1.35 -19.43 -14.97
CA GLU B 359 1.12 -19.56 -13.54
C GLU B 359 1.90 -18.50 -12.76
N TYR B 360 3.15 -18.29 -13.14
CA TYR B 360 3.95 -17.27 -12.47
C TYR B 360 3.31 -15.88 -12.56
N LEU B 361 2.91 -15.49 -13.77
CA LEU B 361 2.28 -14.21 -13.99
C LEU B 361 0.98 -14.08 -13.19
N ARG B 362 0.15 -15.13 -13.21
CA ARG B 362 -1.09 -15.15 -12.45
C ARG B 362 -0.84 -14.90 -10.96
N GLN B 363 0.18 -15.55 -10.42
CA GLN B 363 0.50 -15.43 -9.00
C GLN B 363 0.97 -14.03 -8.66
N ARG B 364 1.64 -13.36 -9.58
CA ARG B 364 2.13 -12.02 -9.33
C ARG B 364 0.98 -11.03 -9.41
N VAL B 365 -0.05 -11.37 -10.18
CA VAL B 365 -1.24 -10.52 -10.21
C VAL B 365 -1.95 -10.65 -8.88
N LEU B 366 -2.17 -11.89 -8.46
CA LEU B 366 -2.86 -12.18 -7.22
C LEU B 366 -2.08 -11.65 -6.03
N TYR B 367 -0.77 -11.58 -6.17
CA TYR B 367 0.05 -11.10 -5.07
C TYR B 367 -0.46 -9.72 -4.67
N THR B 368 -0.77 -8.89 -5.67
CA THR B 368 -1.31 -7.57 -5.41
C THR B 368 -2.81 -7.55 -5.05
N GLN B 369 -3.61 -8.25 -5.85
CA GLN B 369 -5.07 -8.23 -5.68
C GLN B 369 -5.53 -8.73 -4.34
N GLN B 370 -4.89 -9.77 -3.82
CA GLN B 370 -5.27 -10.30 -2.51
C GLN B 370 -5.10 -9.24 -1.44
N LYS B 371 -3.96 -8.57 -1.46
CA LYS B 371 -3.66 -7.53 -0.50
C LYS B 371 -4.60 -6.34 -0.64
N THR B 372 -4.85 -5.93 -1.89
CA THR B 372 -5.70 -4.80 -2.17
C THR B 372 -7.12 -5.10 -1.76
N PHE B 373 -7.61 -6.28 -2.12
CA PHE B 373 -8.98 -6.60 -1.74
C PHE B 373 -9.15 -6.65 -0.24
N ASP B 374 -8.23 -7.31 0.47
CA ASP B 374 -8.35 -7.40 1.93
C ASP B 374 -8.36 -6.02 2.60
N GLN B 375 -7.48 -5.13 2.16
CA GLN B 375 -7.41 -3.81 2.78
C GLN B 375 -8.62 -2.94 2.41
N LEU B 376 -9.14 -3.12 1.21
CA LEU B 376 -10.29 -2.38 0.76
C LEU B 376 -11.48 -2.62 1.68
N LEU B 377 -11.73 -3.89 1.99
CA LEU B 377 -12.84 -4.23 2.88
C LEU B 377 -12.68 -3.51 4.21
N LYS B 378 -11.44 -3.37 4.67
CA LYS B 378 -11.17 -2.70 5.94
C LYS B 378 -11.36 -1.19 5.85
N ALA B 379 -10.91 -0.60 4.75
CA ALA B 379 -11.11 0.81 4.55
C ALA B 379 -12.62 1.08 4.46
N GLN B 380 -13.37 0.12 3.94
CA GLN B 380 -14.81 0.28 3.81
C GLN B 380 -15.51 0.23 5.16
N GLU B 381 -15.09 -0.69 6.03
CA GLU B 381 -15.63 -0.73 7.38
C GLU B 381 -15.33 0.57 8.09
N MET B 382 -14.10 1.05 7.93
CA MET B 382 -13.73 2.29 8.61
C MET B 382 -14.58 3.45 8.11
N SER B 383 -14.92 3.43 6.82
CA SER B 383 -15.73 4.49 6.24
C SER B 383 -17.14 4.43 6.82
N VAL B 384 -17.69 3.23 6.95
CA VAL B 384 -19.00 3.09 7.54
C VAL B 384 -18.99 3.66 8.97
N LYS B 385 -18.00 3.28 9.76
CA LYS B 385 -17.88 3.79 11.12
C LYS B 385 -17.78 5.31 11.13
N ALA B 386 -17.08 5.86 10.15
CA ALA B 386 -16.97 7.31 10.04
C ALA B 386 -18.35 7.94 9.82
N HIS B 387 -19.13 7.36 8.91
CA HIS B 387 -20.47 7.86 8.64
C HIS B 387 -21.32 7.75 9.89
N GLU B 388 -21.24 6.60 10.56
CA GLU B 388 -22.03 6.38 11.75
C GLU B 388 -21.63 7.37 12.86
N ALA B 389 -20.33 7.63 12.99
CA ALA B 389 -19.87 8.60 13.97
C ALA B 389 -20.46 9.98 13.71
N VAL B 390 -20.42 10.41 12.45
CA VAL B 390 -20.98 11.72 12.13
C VAL B 390 -22.51 11.70 12.37
N ARG B 391 -23.17 10.61 12.00
CA ARG B 391 -24.60 10.51 12.25
C ARG B 391 -24.90 10.58 13.75
N LEU B 392 -24.16 9.82 14.55
CA LEU B 392 -24.39 9.83 16.00
C LEU B 392 -24.14 11.22 16.59
N ALA B 393 -23.09 11.89 16.12
CA ALA B 393 -22.79 13.21 16.63
C ALA B 393 -23.89 14.19 16.24
N ASN B 394 -24.39 14.12 15.01
CA ASN B 394 -25.48 15.01 14.60
C ASN B 394 -26.71 14.84 15.51
N ALA B 395 -26.94 13.61 15.97
CA ALA B 395 -28.11 13.34 16.81
C ALA B 395 -27.82 13.49 18.31
N TYR B 396 -26.56 13.74 18.66
CA TYR B 396 -26.18 13.80 20.07
C TYR B 396 -26.87 14.92 20.85
N GLU B 397 -27.56 14.55 21.92
CA GLU B 397 -28.32 15.50 22.72
C GLU B 397 -27.58 15.97 23.96
N GLY B 398 -26.47 15.32 24.26
CA GLY B 398 -25.70 15.66 25.45
C GLY B 398 -24.89 16.92 25.29
N HIS B 399 -24.14 17.29 26.32
CA HIS B 399 -23.31 18.48 26.24
C HIS B 399 -22.24 18.32 25.15
N ARG B 400 -22.07 19.36 24.35
CA ARG B 400 -21.11 19.33 23.24
C ARG B 400 -19.80 20.05 23.58
N ALA B 401 -18.76 19.79 22.80
CA ALA B 401 -17.50 20.50 22.95
C ALA B 401 -17.72 21.93 22.49
N ALA B 402 -16.97 22.87 23.04
CA ALA B 402 -17.14 24.27 22.66
C ALA B 402 -16.89 24.49 21.16
N ASN B 403 -15.97 23.73 20.57
CA ASN B 403 -15.68 23.89 19.15
C ASN B 403 -16.41 22.84 18.28
N TYR B 404 -17.58 22.43 18.76
CA TYR B 404 -18.43 21.44 18.08
C TYR B 404 -18.58 21.63 16.58
N GLU B 405 -18.96 22.83 16.15
CA GLU B 405 -19.21 23.05 14.73
C GLU B 405 -17.97 22.94 13.87
N ALA B 406 -16.85 23.49 14.32
CA ALA B 406 -15.62 23.40 13.54
C ALA B 406 -15.17 21.94 13.48
N LEU B 407 -15.30 21.21 14.59
CA LEU B 407 -14.91 19.81 14.61
C LEU B 407 -15.75 18.99 13.62
N MET B 408 -17.07 19.17 13.65
CA MET B 408 -17.97 18.47 12.73
C MET B 408 -17.69 18.81 11.26
N ALA B 409 -17.42 20.07 10.98
CA ALA B 409 -17.12 20.47 9.60
C ALA B 409 -15.90 19.71 9.09
N GLU B 410 -14.89 19.60 9.93
CA GLU B 410 -13.71 18.86 9.54
C GLU B 410 -14.02 17.36 9.44
N ALA B 411 -14.84 16.85 10.35
CA ALA B 411 -15.18 15.44 10.34
C ALA B 411 -15.89 15.07 9.04
N ARG B 412 -16.85 15.88 8.63
CA ARG B 412 -17.58 15.64 7.41
C ARG B 412 -16.64 15.59 6.21
N GLU B 413 -15.73 16.57 6.13
CA GLU B 413 -14.81 16.64 5.03
C GLU B 413 -13.94 15.37 5.00
N MET B 414 -13.62 14.86 6.17
CA MET B 414 -12.82 13.64 6.24
C MET B 414 -13.64 12.43 5.77
N VAL B 415 -14.93 12.40 6.09
CA VAL B 415 -15.77 11.31 5.59
C VAL B 415 -15.77 11.34 4.07
N ARG B 416 -16.02 12.53 3.52
CA ARG B 416 -16.08 12.73 2.09
C ARG B 416 -14.77 12.32 1.42
N LYS B 417 -13.66 12.77 1.97
CA LYS B 417 -12.34 12.47 1.40
C LYS B 417 -11.99 11.00 1.54
N GLY B 418 -12.28 10.43 2.69
CA GLY B 418 -11.97 9.04 2.90
C GLY B 418 -12.72 8.17 1.92
N GLN B 419 -13.98 8.52 1.69
CA GLN B 419 -14.80 7.73 0.78
C GLN B 419 -14.35 7.91 -0.65
N LEU B 420 -14.04 9.14 -1.04
CA LEU B 420 -13.55 9.35 -2.39
C LEU B 420 -12.35 8.44 -2.61
N PHE B 421 -11.47 8.37 -1.63
CA PHE B 421 -10.26 7.55 -1.77
C PHE B 421 -10.56 6.03 -1.88
N TRP B 422 -11.39 5.46 -1.00
CA TRP B 422 -11.59 4.01 -1.17
C TRP B 422 -12.33 3.72 -2.46
N ASP B 423 -13.29 4.58 -2.79
CA ASP B 423 -14.12 4.37 -3.97
C ASP B 423 -13.25 4.39 -5.20
N TYR B 424 -12.22 5.24 -5.17
CA TYR B 424 -11.31 5.36 -6.31
C TYR B 424 -10.67 4.00 -6.59
N VAL B 425 -10.45 3.22 -5.54
CA VAL B 425 -9.85 1.91 -5.68
C VAL B 425 -10.93 0.86 -5.95
N SER B 426 -12.00 0.90 -5.17
CA SER B 426 -13.09 -0.05 -5.33
C SER B 426 -13.72 -0.01 -6.73
N ALA B 427 -14.01 1.21 -7.19
CA ALA B 427 -14.68 1.38 -8.47
C ALA B 427 -13.81 0.94 -9.63
N GLU B 428 -12.51 0.89 -9.40
CA GLU B 428 -11.54 0.51 -10.41
C GLU B 428 -11.57 -1.00 -10.53
N ASN B 429 -11.51 -1.48 -11.77
CA ASN B 429 -11.75 -2.87 -12.08
C ASN B 429 -10.58 -3.85 -11.99
N SER B 430 -9.38 -3.38 -11.66
CA SER B 430 -8.26 -4.29 -11.65
C SER B 430 -7.92 -4.80 -10.24
N VAL B 431 -8.62 -4.30 -9.23
CA VAL B 431 -8.33 -4.70 -7.87
C VAL B 431 -6.86 -4.54 -7.53
N GLY B 432 -6.32 -3.38 -7.89
CA GLY B 432 -4.94 -3.05 -7.58
C GLY B 432 -3.89 -3.43 -8.61
N PHE B 433 -4.19 -4.32 -9.55
CA PHE B 433 -3.12 -4.72 -10.45
C PHE B 433 -2.66 -3.66 -11.44
N HIS B 434 -3.56 -2.80 -11.91
CA HIS B 434 -3.13 -1.76 -12.83
C HIS B 434 -2.04 -0.87 -12.19
N ASN B 435 -2.17 -0.62 -10.90
CA ASN B 435 -1.20 0.21 -10.17
C ASN B 435 -1.17 -0.15 -8.68
N PRO B 436 -0.39 -1.19 -8.34
CA PRO B 436 -0.35 -1.74 -6.98
C PRO B 436 0.01 -0.75 -5.90
N ALA B 437 1.02 0.07 -6.13
CA ALA B 437 1.44 1.00 -5.11
C ALA B 437 0.41 2.10 -4.87
N LYS B 438 -0.19 2.64 -5.93
CA LYS B 438 -1.18 3.69 -5.74
C LYS B 438 -2.43 3.16 -5.06
N ALA B 439 -2.83 1.96 -5.44
CA ALA B 439 -4.00 1.33 -4.83
C ALA B 439 -3.85 1.21 -3.32
N LEU B 440 -2.75 0.61 -2.90
CA LEU B 440 -2.55 0.38 -1.48
C LEU B 440 -2.32 1.68 -0.71
N ASP B 441 -1.57 2.60 -1.30
CA ASP B 441 -1.30 3.87 -0.66
C ASP B 441 -2.63 4.61 -0.52
N THR B 442 -3.44 4.53 -1.55
CA THR B 442 -4.75 5.18 -1.54
C THR B 442 -5.68 4.62 -0.46
N LEU B 443 -5.69 3.29 -0.30
CA LEU B 443 -6.53 2.68 0.72
C LEU B 443 -6.07 3.10 2.10
N MET B 444 -4.76 3.24 2.29
CA MET B 444 -4.24 3.61 3.59
C MET B 444 -4.64 5.05 3.95
N THR B 445 -4.50 5.96 3.00
CA THR B 445 -4.91 7.33 3.23
C THR B 445 -6.42 7.36 3.48
N SER B 446 -7.17 6.55 2.73
CA SER B 446 -8.61 6.51 2.93
C SER B 446 -8.93 6.23 4.39
N MET B 447 -8.33 5.17 4.93
CA MET B 447 -8.60 4.77 6.29
C MET B 447 -8.19 5.83 7.29
N GLU B 448 -7.06 6.48 7.04
CA GLU B 448 -6.61 7.57 7.91
C GLU B 448 -7.65 8.69 7.92
N CYS B 449 -8.21 9.01 6.75
CA CYS B 449 -9.22 10.06 6.71
C CYS B 449 -10.46 9.64 7.50
N SER B 450 -10.93 8.42 7.30
CA SER B 450 -12.11 7.94 7.98
C SER B 450 -11.90 7.92 9.50
N GLN B 451 -10.74 7.46 9.93
CA GLN B 451 -10.46 7.39 11.36
C GLN B 451 -10.46 8.80 11.94
N LYS B 452 -9.95 9.76 11.19
CA LYS B 452 -9.93 11.16 11.63
C LYS B 452 -11.36 11.68 11.78
N ALA B 453 -12.25 11.30 10.88
CA ALA B 453 -13.65 11.69 11.01
C ALA B 453 -14.24 11.08 12.29
N VAL B 454 -13.94 9.81 12.55
CA VAL B 454 -14.42 9.18 13.77
C VAL B 454 -13.91 9.94 15.00
N ASP B 455 -12.62 10.28 15.00
CA ASP B 455 -12.02 10.99 16.13
C ASP B 455 -12.63 12.38 16.34
N LEU B 456 -12.74 13.16 15.27
CA LEU B 456 -13.30 14.51 15.36
C LEU B 456 -14.76 14.50 15.81
N ALA B 457 -15.59 13.69 15.16
CA ALA B 457 -16.99 13.63 15.56
C ALA B 457 -17.14 13.20 17.02
N THR B 458 -16.32 12.24 17.43
CA THR B 458 -16.37 11.75 18.80
C THR B 458 -15.98 12.87 19.76
N GLU B 459 -14.91 13.58 19.45
CA GLU B 459 -14.49 14.69 20.28
C GLU B 459 -15.56 15.79 20.35
N ALA B 460 -16.26 16.00 19.23
CA ALA B 460 -17.30 17.04 19.20
C ALA B 460 -18.40 16.78 20.22
N THR B 461 -18.66 15.51 20.52
CA THR B 461 -19.68 15.19 21.51
C THR B 461 -19.07 15.07 22.89
N ASP B 462 -17.85 15.55 23.08
CA ASP B 462 -17.23 15.41 24.37
C ASP B 462 -17.07 13.95 24.68
N PHE B 463 -16.87 13.17 23.62
CA PHE B 463 -16.64 11.73 23.74
C PHE B 463 -17.85 10.98 24.23
N GLY B 464 -18.99 11.64 24.24
CA GLY B 464 -20.23 11.01 24.66
C GLY B 464 -20.60 9.80 23.78
N ILE B 465 -20.22 9.85 22.51
CA ILE B 465 -20.54 8.74 21.60
C ILE B 465 -19.42 7.70 21.48
N ALA B 466 -18.32 7.88 22.21
CA ALA B 466 -17.23 6.92 22.14
C ALA B 466 -17.62 5.44 22.43
N PRO B 467 -18.20 5.16 23.59
CA PRO B 467 -18.62 3.79 23.94
C PRO B 467 -19.34 3.02 22.83
N ALA B 468 -20.33 3.65 22.21
CA ALA B 468 -21.09 3.02 21.16
C ALA B 468 -20.23 2.64 19.97
N LEU B 469 -19.35 3.55 19.57
CA LEU B 469 -18.53 3.33 18.40
C LEU B 469 -17.46 2.27 18.63
N ALA B 470 -17.40 1.77 19.86
CA ALA B 470 -16.38 0.80 20.24
C ALA B 470 -16.53 -0.61 19.64
N GLY B 471 -17.75 -1.08 19.42
CA GLY B 471 -17.95 -2.45 18.99
C GLY B 471 -17.54 -2.83 17.57
N ASP B 472 -18.17 -3.90 17.09
CA ASP B 472 -17.99 -4.40 15.73
C ASP B 472 -18.90 -3.48 14.94
N ILE B 473 -18.36 -2.74 13.98
CA ILE B 473 -19.21 -1.83 13.22
C ILE B 473 -20.36 -2.59 12.55
N LYS B 474 -20.12 -3.86 12.22
CA LYS B 474 -21.13 -4.69 11.59
C LYS B 474 -22.32 -4.98 12.50
N LYS B 475 -22.13 -4.80 13.81
CA LYS B 475 -23.24 -5.00 14.75
C LYS B 475 -24.09 -3.74 14.85
N LEU B 476 -23.44 -2.60 14.98
CA LEU B 476 -24.13 -1.30 15.04
C LEU B 476 -24.77 -0.94 13.70
N VAL B 477 -24.07 -1.22 12.61
CA VAL B 477 -24.56 -0.88 11.28
C VAL B 477 -24.46 -2.12 10.40
N PRO B 478 -25.47 -2.98 10.46
CA PRO B 478 -25.42 -4.20 9.67
C PRO B 478 -25.40 -3.89 8.19
N PRO B 479 -24.59 -4.63 7.46
CA PRO B 479 -24.53 -4.51 6.00
C PRO B 479 -25.93 -4.69 5.41
N ILE B 480 -26.27 -3.85 4.44
CA ILE B 480 -27.53 -3.98 3.75
C ILE B 480 -27.35 -4.90 2.55
N LEU B 481 -27.89 -6.11 2.69
CA LEU B 481 -27.77 -7.10 1.64
C LEU B 481 -28.68 -6.80 0.47
N THR B 482 -29.91 -6.40 0.79
CA THR B 482 -30.93 -6.23 -0.21
C THR B 482 -31.61 -4.89 -0.12
N LEU B 483 -31.72 -4.20 -1.25
CA LEU B 483 -32.41 -2.91 -1.30
C LEU B 483 -32.71 -2.55 -2.75
N SER B 484 -33.99 -2.30 -3.05
CA SER B 484 -34.38 -2.00 -4.40
C SER B 484 -35.44 -0.91 -4.41
N ARG B 485 -35.67 -0.32 -5.57
CA ARG B 485 -36.69 0.71 -5.69
C ARG B 485 -38.07 0.19 -5.30
N LYS B 486 -38.37 -1.06 -5.67
CA LYS B 486 -39.64 -1.69 -5.31
C LYS B 486 -39.74 -1.88 -3.80
N LEU B 487 -38.66 -2.38 -3.19
CA LEU B 487 -38.64 -2.60 -1.74
C LEU B 487 -38.76 -1.32 -0.96
N GLN B 488 -38.14 -0.24 -1.45
CA GLN B 488 -38.22 1.04 -0.76
C GLN B 488 -39.67 1.59 -0.73
N GLN B 489 -40.60 0.86 -1.34
CA GLN B 489 -42.00 1.27 -1.34
C GLN B 489 -42.69 0.69 -0.10
N ASP B 490 -41.97 -0.19 0.58
CA ASP B 490 -42.52 -0.92 1.71
C ASP B 490 -41.95 -0.53 3.07
N PRO B 491 -42.67 0.33 3.80
CA PRO B 491 -42.29 0.74 5.16
C PRO B 491 -41.87 -0.39 6.07
N GLU B 492 -42.56 -1.52 6.00
CA GLU B 492 -42.21 -2.62 6.89
C GLU B 492 -40.88 -3.25 6.51
N PHE B 493 -40.48 -3.11 5.25
CA PHE B 493 -39.19 -3.60 4.82
C PHE B 493 -38.10 -2.67 5.34
N LEU B 494 -38.31 -1.38 5.14
CA LEU B 494 -37.35 -0.36 5.54
C LEU B 494 -36.98 -0.41 7.03
N LYS B 495 -37.91 -0.87 7.86
CA LYS B 495 -37.70 -0.93 9.30
C LYS B 495 -36.71 -2.00 9.73
N GLN B 496 -36.43 -2.95 8.85
CA GLN B 496 -35.61 -4.11 9.18
C GLN B 496 -34.11 -3.84 9.36
N ASN B 497 -33.68 -2.61 9.09
CA ASN B 497 -32.28 -2.25 9.20
C ASN B 497 -32.18 -0.79 9.61
N PRO B 498 -31.29 -0.50 10.54
CA PRO B 498 -31.15 0.84 11.11
C PRO B 498 -30.86 1.93 10.09
N TRP B 499 -30.20 1.56 8.99
CA TRP B 499 -29.88 2.55 7.96
C TRP B 499 -30.98 2.65 6.88
N THR B 500 -31.58 1.54 6.47
CA THR B 500 -32.68 1.64 5.49
C THR B 500 -33.81 2.40 6.14
N ARG B 501 -33.87 2.26 7.45
CA ARG B 501 -34.84 2.96 8.28
C ARG B 501 -34.79 4.48 8.05
N LEU B 502 -33.63 4.98 7.66
CA LEU B 502 -33.45 6.42 7.45
C LEU B 502 -33.94 6.88 6.08
N LEU B 503 -34.30 5.92 5.23
CA LEU B 503 -34.80 6.27 3.91
C LEU B 503 -36.29 6.53 3.97
N PRO B 504 -36.79 7.37 3.07
CA PRO B 504 -38.23 7.63 2.98
C PRO B 504 -38.91 6.51 2.18
N ALA B 505 -40.13 6.16 2.55
CA ALA B 505 -40.87 5.20 1.76
C ALA B 505 -41.27 5.84 0.44
N LEU B 506 -41.04 5.12 -0.66
CA LEU B 506 -41.43 5.63 -1.98
C LEU B 506 -42.90 5.27 -2.22
N PRO B 507 -43.57 6.05 -3.05
CA PRO B 507 -44.99 5.83 -3.34
C PRO B 507 -45.25 4.44 -3.86
N LYS B 508 -46.34 3.82 -3.43
CA LYS B 508 -46.71 2.52 -3.98
C LYS B 508 -46.93 2.73 -5.48
N ALA B 509 -46.21 1.99 -6.31
CA ALA B 509 -46.29 2.18 -7.75
C ALA B 509 -45.94 0.94 -8.57
N GLU B 510 -46.63 0.76 -9.68
CA GLU B 510 -46.39 -0.39 -10.52
C GLU B 510 -45.17 -0.14 -11.39
N GLN B 511 -44.51 -1.22 -11.78
CA GLN B 511 -43.38 -1.12 -12.67
C GLN B 511 -43.87 -0.73 -14.06
N VAL B 512 -43.24 0.29 -14.64
CA VAL B 512 -43.67 0.82 -15.91
C VAL B 512 -42.74 0.47 -17.08
N TRP B 513 -41.48 0.21 -16.78
CA TRP B 513 -40.54 -0.13 -17.82
C TRP B 513 -39.94 -1.49 -17.52
N GLU B 514 -39.86 -2.34 -18.53
CA GLU B 514 -39.11 -3.57 -18.41
C GLU B 514 -38.32 -3.71 -19.69
N GLY B 515 -37.00 -3.60 -19.55
CA GLY B 515 -36.13 -3.59 -20.70
C GLY B 515 -36.52 -2.36 -21.50
N GLN B 516 -36.91 -2.56 -22.75
CA GLN B 516 -37.29 -1.46 -23.61
C GLN B 516 -38.80 -1.33 -23.73
N ASP B 517 -39.54 -2.18 -23.04
CA ASP B 517 -40.98 -2.13 -23.16
C ASP B 517 -41.64 -1.18 -22.18
N ARG B 518 -42.31 -0.16 -22.70
CA ARG B 518 -43.06 0.76 -21.85
C ARG B 518 -44.34 0.03 -21.54
N ALA B 519 -44.79 0.12 -20.29
CA ALA B 519 -45.95 -0.63 -19.87
C ALA B 519 -46.74 0.13 -18.80
FE HEC C . 24.67 -4.65 12.74
CHA HEC C . 24.76 -2.07 10.56
CHB HEC C . 25.89 -2.62 15.21
CHC HEC C . 24.40 -7.20 15.01
CHD HEC C . 24.10 -6.88 10.22
NA HEC C . 25.25 -2.75 12.86
C1A HEC C . 25.18 -1.81 11.84
C2A HEC C . 25.57 -0.53 12.32
C3A HEC C . 25.90 -0.67 13.61
C4A HEC C . 25.69 -2.06 13.98
CMA HEC C . 26.39 0.47 14.53
CAA HEC C . 25.63 0.78 11.50
CBA HEC C . 24.24 1.42 11.35
CGA HEC C . 23.69 1.81 12.69
O1A HEC C . 23.99 2.94 13.17
O2A HEC C . 22.95 0.99 13.27
NB HEC C . 25.15 -4.90 14.73
C1B HEC C . 25.45 -3.86 15.58
C2B HEC C . 25.19 -4.28 16.94
C3B HEC C . 24.81 -5.56 16.90
C4B HEC C . 24.75 -5.96 15.50
CMB HEC C . 25.46 -3.41 18.17
CAB HEC C . 24.44 -6.39 18.14
CBB HEC C . 23.38 -5.94 18.83
NC HEC C . 24.33 -6.64 12.63
C1C HEC C . 24.23 -7.52 13.68
C2C HEC C . 23.75 -8.78 13.18
C3C HEC C . 23.85 -8.75 11.85
C4C HEC C . 24.09 -7.37 11.49
CMC HEC C . 23.77 -10.08 14.03
CAC HEC C . 23.59 -9.90 10.84
CBC HEC C . 22.82 -10.95 11.15
ND HEC C . 24.52 -4.52 10.72
C1D HEC C . 24.13 -5.54 9.89
C2D HEC C . 23.76 -5.01 8.60
C3D HEC C . 23.97 -3.51 8.71
C4D HEC C . 24.44 -3.30 10.05
CMD HEC C . 23.26 -5.78 7.37
CAD HEC C . 23.70 -2.45 7.63
CBD HEC C . 22.18 -2.36 7.40
CGD HEC C . 21.50 -1.47 8.40
O1D HEC C . 22.14 -1.02 9.39
O2D HEC C . 20.29 -1.19 8.22
FE HEC D . 33.93 -10.66 -4.78
CHA HEC D . 32.95 -11.89 -7.83
CHB HEC D . 37.11 -10.68 -5.77
CHC HEC D . 34.84 -9.30 -1.72
CHD HEC D . 30.77 -11.07 -3.52
NA HEC D . 34.83 -11.14 -6.50
C1A HEC D . 34.27 -11.75 -7.60
C2A HEC D . 35.33 -12.22 -8.48
C3A HEC D . 36.48 -11.89 -7.90
C4A HEC D . 36.19 -11.21 -6.65
CMA HEC D . 37.89 -12.18 -8.47
CAA HEC D . 35.14 -12.98 -9.81
CBA HEC D . 35.36 -12.03 -11.00
CGA HEC D . 34.24 -11.00 -11.03
O1A HEC D . 34.51 -9.81 -10.70
O2A HEC D . 33.10 -11.41 -11.37
NB HEC D . 35.62 -10.14 -3.89
C1B HEC D . 36.84 -10.10 -4.55
C2B HEC D . 37.78 -9.37 -3.73
C3B HEC D . 37.17 -9.02 -2.60
C4B HEC D . 35.80 -9.48 -2.69
CMB HEC D . 39.27 -9.11 -4.04
CAB HEC D . 37.82 -8.23 -1.44
CBB HEC D . 38.37 -7.02 -1.67
NC HEC D . 32.99 -10.28 -2.97
C1C HEC D . 33.54 -9.70 -1.84
C2C HEC D . 32.49 -9.41 -0.89
C3C HEC D . 31.41 -10.06 -1.32
C4C HEC D . 31.67 -10.51 -2.68
CMC HEC D . 32.75 -8.99 0.56
CAC HEC D . 30.05 -10.18 -0.57
CBC HEC D . 29.62 -9.19 0.21
ND HEC D . 32.21 -11.38 -5.54
C1D HEC D . 30.99 -11.39 -4.84
C2D HEC D . 29.93 -11.80 -5.73
C3D HEC D . 30.61 -12.04 -7.08
C4D HEC D . 32.00 -11.77 -6.85
CMD HEC D . 28.42 -11.96 -5.39
CAD HEC D . 29.97 -12.51 -8.40
CBD HEC D . 30.30 -14.00 -8.49
CGD HEC D . 29.65 -14.61 -9.71
O1D HEC D . 28.86 -13.91 -10.41
O2D HEC D . 29.94 -15.81 -9.97
FE HEC E . 26.13 -5.07 3.26
CHA HEC E . 26.19 -1.79 4.27
CHB HEC E . 24.81 -4.12 0.31
CHC HEC E . 26.63 -8.29 2.00
CHD HEC E . 26.98 -6.17 6.29
NA HEC E . 25.60 -3.29 2.45
C1A HEC E . 25.71 -2.04 3.01
C2A HEC E . 25.22 -1.05 2.07
C3A HEC E . 24.83 -1.71 0.96
C4A HEC E . 25.07 -3.12 1.20
CMA HEC E . 24.25 -1.11 -0.33
CAA HEC E . 25.15 0.47 2.27
CBA HEC E . 26.46 1.08 1.79
CGA HEC E . 26.31 2.56 1.50
O1A HEC E . 25.45 3.21 2.11
O2A HEC E . 27.07 3.07 0.63
NB HEC E . 25.81 -5.99 1.57
C1B HEC E . 25.24 -5.41 0.45
C2B HEC E . 25.14 -6.40 -0.60
C3B HEC E . 25.62 -7.54 -0.14
C4B HEC E . 26.07 -7.31 1.22
CMB HEC E . 24.52 -6.18 -2.00
CAB HEC E . 25.73 -8.88 -0.89
CBB HEC E . 26.33 -8.90 -2.09
NC HEC E . 26.65 -6.93 3.98
C1C HEC E . 26.90 -8.11 3.31
C2C HEC E . 27.61 -9.00 4.18
C3C HEC E . 27.61 -8.48 5.41
C4C HEC E . 27.07 -7.11 5.29
CMC HEC E . 27.91 -10.47 3.81
CAC HEC E . 28.18 -9.15 6.69
CBC HEC E . 29.27 -9.92 6.68
ND HEC E . 26.52 -4.13 4.98
C1D HEC E . 26.83 -4.81 6.16
C2D HEC E . 27.00 -3.85 7.23
C3D HEC E . 26.74 -2.48 6.60
C4D HEC E . 26.47 -2.76 5.21
CMD HEC E . 27.34 -4.14 8.70
CAD HEC E . 26.80 -1.09 7.29
CBD HEC E . 28.27 -0.66 7.37
CGD HEC E . 28.40 0.71 7.96
O1D HEC E . 27.37 1.42 8.10
O2D HEC E . 29.55 1.10 8.33
FE HEC F . 18.89 -3.26 -2.88
CHA HEC F . 18.64 -0.11 -1.57
CHB HEC F . 20.60 -4.29 -0.13
CHC HEC F . 18.67 -6.40 -4.02
CHD HEC F . 17.98 -2.04 -5.99
NA HEC F . 19.47 -2.37 -1.18
C1A HEC F . 19.36 -1.03 -0.86
C2A HEC F . 20.11 -0.77 0.34
C3A HEC F . 20.64 -1.93 0.75
C4A HEC F . 20.25 -2.95 -0.20
CMA HEC F . 21.52 -2.17 2.00
CAA HEC F . 20.28 0.60 1.07
CBA HEC F . 21.37 1.43 0.36
CGA HEC F . 22.00 2.42 1.31
O1A HEC F . 22.21 3.59 0.91
O2A HEC F . 22.33 2.06 2.45
NB HEC F . 19.56 -5.00 -2.21
C1B HEC F . 20.12 -5.25 -0.98
C2B HEC F . 20.04 -6.68 -0.74
C3B HEC F . 19.55 -7.25 -1.84
C4B HEC F . 19.21 -6.22 -2.77
CMB HEC F . 20.60 -7.43 0.49
CAB HEC F . 19.31 -8.76 -2.00
CBB HEC F . 18.59 -9.39 -1.05
NC HEC F . 18.47 -4.03 -4.67
C1C HEC F . 18.37 -5.39 -4.90
C2C HEC F . 17.80 -5.59 -6.22
C3C HEC F . 17.65 -4.40 -6.80
C4C HEC F . 18.04 -3.40 -5.82
CMC HEC F . 17.61 -6.98 -6.89
CAC HEC F . 17.17 -4.17 -8.26
CBC HEC F . 15.91 -4.25 -8.66
ND HEC F . 18.43 -1.37 -3.66
C1D HEC F . 17.99 -1.13 -4.96
C2D HEC F . 17.54 0.24 -5.06
C3D HEC F . 17.72 0.84 -3.68
C4D HEC F . 18.29 -0.23 -2.88
CMD HEC F . 16.96 0.95 -6.31
CAD HEC F . 17.39 2.28 -3.21
CBD HEC F . 18.67 3.12 -3.25
CGD HEC F . 18.38 4.51 -2.76
O1D HEC F . 17.21 4.77 -2.34
O2D HEC F . 19.32 5.35 -2.76
FE HEC G . 13.88 -4.29 -12.75
CHA HEC G . 10.54 -4.89 -12.66
CHB HEC G . 13.25 -1.01 -11.85
CHC HEC G . 17.19 -3.71 -12.40
CHD HEC G . 14.54 -7.37 -14.08
NA HEC G . 12.21 -3.15 -12.32
C1A HEC G . 10.90 -3.59 -12.42
C2A HEC G . 10.03 -2.44 -12.22
C3A HEC G . 10.79 -1.37 -11.99
C4A HEC G . 12.17 -1.80 -12.05
CMA HEC G . 10.31 0.06 -11.71
CAA HEC G . 8.49 -2.44 -12.19
CBA HEC G . 8.08 -2.68 -10.72
CGA HEC G . 7.98 -1.37 -9.96
O1A HEC G . 8.55 -1.27 -8.85
O2A HEC G . 7.35 -0.39 -10.44
NB HEC G . 15.00 -2.67 -12.25
C1B HEC G . 14.54 -1.45 -11.81
C2B HEC G . 15.66 -0.70 -11.28
C3B HEC G . 16.77 -1.42 -11.45
C4B HEC G . 16.37 -2.69 -12.05
CMB HEC G . 15.58 0.73 -10.72
CAB HEC G . 18.20 -0.99 -11.06
CBB HEC G . 18.50 -0.62 -9.82
NC HEC G . 15.53 -5.35 -13.18
C1C HEC G . 16.82 -4.93 -12.94
C2C HEC G . 17.74 -5.97 -13.38
C3C HEC G . 17.01 -7.01 -13.80
C4C HEC G . 15.62 -6.61 -13.70
CMC HEC G . 19.27 -5.91 -13.23
CAC HEC G . 17.55 -8.34 -14.37
CBC HEC G . 18.44 -9.07 -13.68
ND HEC G . 12.75 -5.84 -13.32
C1D HEC G . 13.24 -7.07 -13.74
C2D HEC G . 12.17 -8.02 -13.79
C3D HEC G . 10.93 -7.26 -13.34
C4D HEC G . 11.38 -5.91 -13.08
CMD HEC G . 12.23 -9.52 -14.18
CAD HEC G . 9.51 -7.84 -13.22
CBD HEC G . 8.93 -8.04 -14.61
CGD HEC G . 9.02 -9.48 -15.01
O1D HEC G . 8.71 -10.37 -14.17
O2D HEC G . 9.40 -9.76 -16.18
CA CA H . 15.30 -8.90 15.53
CA CA I . 23.61 3.76 3.48
CL CL J . 21.46 -2.81 20.00
ZN ZN K . 10.94 15.20 0.50
ZN ZN L . -17.52 3.61 33.91
CL CL M . 11.93 16.01 -1.42
CL CL N . -16.67 5.71 33.53
FE HEC O . -21.85 3.34 -17.06
CHA HEC O . -20.87 0.12 -16.55
CHB HEC O . -25.04 2.49 -16.14
CHC HEC O . -22.73 6.61 -17.16
CHD HEC O . -18.84 4.10 -18.53
NA HEC O . -22.79 1.64 -16.46
C1A HEC O . -22.19 0.39 -16.34
C2A HEC O . -23.18 -0.57 -15.94
C3A HEC O . -24.33 0.08 -15.84
C4A HEC O . -24.11 1.47 -16.15
CMA HEC O . -25.68 -0.56 -15.43
CAA HEC O . -22.95 -2.07 -15.71
CBA HEC O . -22.29 -2.36 -14.36
CGA HEC O . -23.14 -1.84 -13.23
O1A HEC O . -24.06 -2.53 -12.74
O2A HEC O . -22.88 -0.68 -12.83
NB HEC O . -23.59 4.34 -16.79
C1B HEC O . -24.73 3.82 -16.23
C2B HEC O . -25.53 4.92 -15.73
C3B HEC O . -24.90 6.04 -16.04
C4B HEC O . -23.66 5.72 -16.69
CMB HEC O . -26.91 4.77 -15.05
CAB HEC O . -25.41 7.45 -15.68
CBB HEC O . -25.53 7.69 -14.37
NC HEC O . -20.97 5.03 -17.73
C1C HEC O . -21.50 6.30 -17.67
C2C HEC O . -20.46 7.23 -18.10
C3C HEC O . -19.45 6.51 -18.63
C4C HEC O . -19.71 5.13 -18.31
CMC HEC O . -20.72 8.71 -18.39
CAC HEC O . -18.17 7.06 -19.31
CBC HEC O . -17.71 8.29 -19.02
ND HEC O . -20.16 2.29 -17.52
C1D HEC O . -18.98 2.83 -18.03
C2D HEC O . -17.92 1.85 -17.95
C3D HEC O . -18.57 0.62 -17.32
C4D HEC O . -19.95 0.98 -17.09
CMD HEC O . -16.45 1.99 -18.40
CAD HEC O . -17.89 -0.73 -17.01
CBD HEC O . -16.93 -0.58 -15.82
CGD HEC O . -17.64 -0.61 -14.49
O1D HEC O . -18.90 -0.60 -14.43
O2D HEC O . -16.95 -0.67 -13.46
FE HEC P . -11.11 -2.68 -33.61
CHA HEC P . -7.75 -2.87 -34.58
CHB HEC P . -11.96 -4.05 -36.57
CHC HEC P . -14.39 -2.58 -32.67
CHD HEC P . -10.24 -0.93 -30.88
NA HEC P . -10.02 -3.39 -35.23
C1A HEC P . -8.68 -3.24 -35.50
C2A HEC P . -8.43 -3.55 -36.88
C3A HEC P . -9.59 -3.88 -37.43
C4A HEC P . -10.62 -3.78 -36.42
CMA HEC P . -9.80 -4.28 -38.91
CAA HEC P . -7.06 -3.50 -37.59
CBA HEC P . -6.52 -4.92 -37.77
CGA HEC P . -6.21 -5.50 -36.41
O1A HEC P . -6.95 -6.42 -35.97
O2A HEC P . -5.24 -5.02 -35.77
NB HEC P . -12.84 -3.18 -34.46
C1B HEC P . -12.97 -3.83 -35.66
C2B HEC P . -14.35 -4.27 -35.79
C3B HEC P . -15.02 -3.83 -34.72
C4B HEC P . -14.08 -3.16 -33.86
CMB HEC P . -14.96 -5.00 -37.00
CAB HEC P . -16.53 -4.05 -34.44
CBB HEC P . -16.98 -5.29 -34.30
NC HEC P . -12.13 -1.90 -32.09
C1C HEC P . -13.48 -1.97 -31.86
C2C HEC P . -13.75 -1.46 -30.52
C3C HEC P . -12.63 -0.85 -30.12
C4C HEC P . -11.57 -1.21 -31.03
CMC HEC P . -15.16 -1.14 -29.98
CAC HEC P . -12.49 -0.02 -28.82
CBC HEC P . -13.12 -0.35 -27.69
ND HEC P . -9.31 -2.00 -32.90
C1D HEC P . -9.21 -1.34 -31.68
C2D HEC P . -7.83 -1.13 -31.35
C3D HEC P . -7.05 -1.75 -32.49
C4D HEC P . -8.05 -2.24 -33.40
CMD HEC P . -7.26 -0.44 -30.08
CAD HEC P . -5.53 -1.80 -32.68
CBD HEC P . -5.19 -0.74 -33.72
CGD HEC P . -3.68 -0.59 -33.89
O1D HEC P . -2.91 -1.24 -33.16
O2D HEC P . -3.26 0.20 -34.77
FE HEC Q . -14.96 -1.35 -21.83
CHA HEC Q . -16.75 -3.60 -19.95
CHB HEC Q . -12.17 -3.20 -21.37
CHC HEC Q . -13.21 0.58 -24.24
CHD HEC Q . -17.43 0.80 -21.97
NA HEC Q . -14.56 -3.07 -20.84
C1A HEC Q . -15.42 -3.87 -20.14
C2A HEC Q . -14.69 -5.03 -19.63
C3A HEC Q . -13.42 -4.91 -20.03
C4A HEC Q . -13.31 -3.68 -20.80
CMA HEC Q . -12.29 -5.91 -19.72
CAA HEC Q . -15.26 -6.20 -18.82
CBA HEC Q . -15.72 -7.29 -19.77
CGA HEC Q . -15.85 -8.63 -19.07
O1A HEC Q . -16.05 -8.66 -17.82
O2A HEC Q . -15.76 -9.69 -19.76
NB HEC Q . -13.12 -1.31 -22.65
C1B HEC Q . -12.11 -2.18 -22.28
C2B HEC Q . -10.94 -1.87 -23.07
C3B HEC Q . -11.23 -0.83 -23.84
C4B HEC Q . -12.59 -0.46 -23.62
CMB HEC Q . -9.58 -2.57 -22.97
CAB HEC Q . -10.29 -0.14 -24.85
CBB HEC Q . -9.71 -0.87 -25.81
NC HEC Q . -15.18 0.39 -22.91
C1C HEC Q . -14.45 1.00 -23.91
C2C HEC Q . -15.26 2.03 -24.52
C3C HEC Q . -16.41 2.11 -23.86
C4C HEC Q . -16.39 1.05 -22.86
CMC HEC Q . -14.82 3.00 -25.64
CAC HEC Q . -17.56 3.12 -24.13
CBC HEC Q . -17.92 3.46 -25.37
ND HEC Q . -16.84 -1.39 -21.06
C1D HEC Q . -17.70 -0.33 -21.23
C2D HEC Q . -18.93 -0.65 -20.53
C3D HEC Q . -18.72 -2.02 -19.89
C4D HEC Q . -17.38 -2.42 -20.28
CMD HEC Q . -20.20 0.20 -20.41
CAD HEC Q . -19.78 -2.77 -19.04
CBD HEC Q . -20.65 -3.56 -20.01
CGD HEC Q . -21.63 -4.41 -19.25
O1D HEC Q . -21.43 -4.63 -18.03
O2D HEC Q . -22.63 -4.86 -19.88
FE HEC R . -6.76 -3.97 -17.42
CHA HEC R . -8.55 -5.81 -15.26
CHB HEC R . -9.55 -2.20 -18.30
CHC HEC R . -4.81 -1.83 -19.14
CHD HEC R . -4.17 -6.22 -17.30
NA HEC R . -8.68 -3.97 -16.85
C1A HEC R . -9.24 -4.90 -16.03
C2A HEC R . -10.68 -4.75 -16.05
C3A HEC R . -10.95 -3.76 -16.89
C4A HEC R . -9.70 -3.25 -17.42
CMA HEC R . -12.36 -3.22 -17.23
CAA HEC R . -11.71 -5.61 -15.25
CBA HEC R . -12.01 -6.91 -16.00
CGA HEC R . -13.40 -7.45 -15.69
O1A HEC R . -13.52 -8.68 -15.45
O2A HEC R . -14.39 -6.69 -15.71
NB HEC R . -7.12 -2.36 -18.56
C1B HEC R . -8.32 -1.69 -18.67
C2B HEC R . -8.05 -0.37 -19.19
C3B HEC R . -6.75 -0.29 -19.45
C4B HEC R . -6.13 -1.52 -19.02
CMB HEC R . -9.11 0.69 -19.54
CAB HEC R . -6.03 0.94 -20.02
CBB HEC R . -6.28 2.12 -19.45
NC HEC R . -4.87 -4.05 -18.13
C1C HEC R . -4.23 -3.00 -18.77
C2C HEC R . -2.83 -3.35 -18.95
C3C HEC R . -2.64 -4.56 -18.43
C4C HEC R . -3.92 -5.02 -17.91
CMC HEC R . -1.76 -2.46 -19.62
CAC HEC R . -1.31 -5.36 -18.43
CBC HEC R . -0.23 -5.01 -17.76
ND HEC R . -6.42 -5.73 -16.45
C1D HEC R . -5.25 -6.47 -16.48
C2D HEC R . -5.33 -7.53 -15.52
C3D HEC R . -6.70 -7.40 -14.85
C4D HEC R . -7.29 -6.27 -15.51
CMD HEC R . -4.24 -8.58 -15.20
CAD HEC R . -7.33 -8.28 -13.76
CBD HEC R . -8.20 -9.35 -14.40
CGD HEC R . -8.82 -10.24 -13.34
O1D HEC R . -8.55 -9.99 -12.15
O2D HEC R . -9.56 -11.21 -13.70
FE HEC S . 4.10 -6.59 -17.52
CHA HEC S . 5.95 -5.14 -15.11
CHB HEC S . 2.74 -8.71 -15.13
CHC HEC S . 1.88 -7.77 -19.79
CHD HEC S . 5.70 -4.84 -20.00
NA HEC S . 4.29 -6.87 -15.48
C1A HEC S . 5.18 -6.19 -14.69
C2A HEC S . 5.14 -6.78 -13.37
C3A HEC S . 4.25 -7.77 -13.39
C4A HEC S . 3.71 -7.85 -14.71
CMA HEC S . 3.88 -8.71 -12.22
CAA HEC S . 5.96 -6.34 -12.14
CBA HEC S . 5.06 -5.38 -11.36
CGA HEC S . 4.16 -6.10 -10.38
O1A HEC S . 2.94 -5.82 -10.28
O2A HEC S . 4.67 -6.99 -9.65
NB HEC S . 2.63 -7.98 -17.47
C1B HEC S . 2.15 -8.66 -16.37
C2B HEC S . 0.91 -9.32 -16.73
C3B HEC S . 0.67 -9.09 -18.02
C4B HEC S . 1.74 -8.24 -18.52
CMB HEC S . 0.07 -10.21 -15.79
CAB HEC S . -0.53 -9.63 -18.84
CBB HEC S . -1.80 -9.43 -18.45
NC HEC S . 3.86 -6.35 -19.52
C1C HEC S . 2.87 -6.94 -20.26
C2C HEC S . 2.98 -6.47 -21.62
C3C HEC S . 4.04 -5.68 -21.72
C4C HEC S . 4.61 -5.58 -20.38
CMC HEC S . 2.05 -6.93 -22.77
CAC HEC S . 4.58 -5.00 -23.00
CBC HEC S . 3.80 -4.25 -23.79
ND HEC S . 5.59 -5.26 -17.56
C1D HEC S . 6.01 -4.58 -18.69
C2D HEC S . 6.89 -3.50 -18.31
C3D HEC S . 6.96 -3.58 -16.78
C4D HEC S . 6.14 -4.70 -16.42
CMD HEC S . 7.56 -2.49 -19.26
CAD HEC S . 7.77 -2.64 -15.84
CBD HEC S . 9.25 -2.98 -15.98
CGD HEC S . 9.94 -2.04 -16.94
O1D HEC S . 9.67 -0.81 -16.92
O2D HEC S . 10.79 -2.52 -17.72
CA CA T . -17.75 10.75 -10.42
CA CA U . -16.38 -7.95 -15.61
CL CL V . -26.39 6.21 -10.92
#